data_4KQB
#
_entry.id   4KQB
#
_cell.length_a   58.490
_cell.length_b   101.702
_cell.length_c   158.765
_cell.angle_alpha   90.00
_cell.angle_beta   90.00
_cell.angle_gamma   90.00
#
_symmetry.space_group_name_H-M   'P 21 21 21'
#
loop_
_entity.id
_entity.type
_entity.pdbx_description
1 polymer 'Protein H03A11.1'
2 branched alpha-D-mannopyranose-(1-4)-2-acetamido-2-deoxy-beta-D-glucopyranose-(1-4)-2-acetamido-2-deoxy-beta-D-glucopyranose
3 branched 2-acetamido-2-deoxy-beta-D-glucopyranose-(1-4)-2-acetamido-2-deoxy-beta-D-glucopyranose
4 non-polymer 'MANGANESE (II) ION'
5 non-polymer "ADENOSINE-5'-DIPHOSPHATE"
6 non-polymer 'NICKEL (II) ION'
#
_entity_poly.entity_id   1
_entity_poly.type   'polypeptide(L)'
_entity_poly.pdbx_seq_one_letter_code
;SLPHQPIPPSLGEKDLSDPFNFLFSSNKITLRKLYDLTKNVDFDQLRQNECKKNITLSKFWEKSEQRNVPEDDNWERFYS
NIGSCSVYSDDQMIDNLLHDLNTSPIKHVHIMDGGTQVKFVFTFKNDKQAVFKPMRFGRDYESDPNHFYFSDFERHHAEI
ATFHLDRVLGFRRAIPTVGRVLNMTTELFEKAEKKLKKTFFFSPAKNFCFVSRCDYYCDTTHAICGLPDMKEGSVQVFLP
DESAVPRKHNRSPYRRTYSKKNQVAEWQSSMNYCTDKVKTKRQYAHGRRLLDLVDIHILDYLIGNQDRHHFESFNVFNDL
PSYAIHLDHGRAFGRSDFDDDDIILPLRQCCILRPSTFQTLMNFYSTPKSLTKALHESLSKDPAHPILAYKHYPAMERRL
AKIMSHILECFESRGVAEVLVAEYNNPDVSDAEQNDEEQSEEHQDKKDDKKTV
;
_entity_poly.pdbx_strand_id   A,B
#
# COMPACT_ATOMS: atom_id res chain seq x y z
N PRO A 3 -0.53 -16.37 -38.73
CA PRO A 3 0.35 -16.20 -37.56
C PRO A 3 -0.36 -15.48 -36.42
N HIS A 4 -0.14 -15.95 -35.19
CA HIS A 4 -0.75 -15.35 -34.02
C HIS A 4 -0.12 -13.97 -33.78
N GLN A 5 1.19 -13.90 -34.00
CA GLN A 5 1.91 -12.64 -33.97
C GLN A 5 2.21 -12.13 -35.39
N PRO A 6 1.36 -11.22 -35.90
CA PRO A 6 1.47 -10.72 -37.28
C PRO A 6 2.46 -9.55 -37.39
N ILE A 7 2.73 -9.12 -38.62
CA ILE A 7 3.55 -7.95 -38.87
C ILE A 7 2.87 -6.69 -38.33
N PRO A 8 3.65 -5.63 -38.10
CA PRO A 8 3.06 -4.31 -37.83
C PRO A 8 2.18 -3.88 -39.00
N PRO A 9 0.93 -3.50 -38.72
CA PRO A 9 -0.08 -3.13 -39.73
C PRO A 9 0.39 -2.04 -40.68
N SER A 10 1.21 -1.12 -40.19
CA SER A 10 1.76 -0.06 -41.02
C SER A 10 2.60 -0.62 -42.17
N LEU A 11 3.16 -1.81 -41.95
CA LEU A 11 3.94 -2.49 -42.98
C LEU A 11 3.08 -3.43 -43.80
N GLY A 12 1.77 -3.42 -43.54
CA GLY A 12 0.84 -4.27 -44.27
C GLY A 12 0.02 -3.47 -45.25
N GLU A 13 -0.95 -4.12 -45.88
CA GLU A 13 -1.82 -3.44 -46.84
C GLU A 13 -2.68 -2.37 -46.15
N LYS A 14 -2.67 -1.17 -46.73
CA LYS A 14 -3.38 -0.02 -46.17
C LYS A 14 -4.89 -0.17 -46.20
N ASP A 15 -5.52 -0.11 -45.03
CA ASP A 15 -6.97 -0.17 -44.96
C ASP A 15 -7.52 1.19 -45.38
N LEU A 16 -8.25 1.20 -46.50
CA LEU A 16 -8.77 2.44 -47.08
C LEU A 16 -10.24 2.64 -46.75
N SER A 17 -10.80 1.72 -45.97
CA SER A 17 -12.22 1.78 -45.64
C SER A 17 -12.54 2.99 -44.77
N ASP A 18 -13.80 3.42 -44.82
CA ASP A 18 -14.24 4.57 -44.03
C ASP A 18 -14.39 4.13 -42.58
N PRO A 19 -13.60 4.71 -41.67
CA PRO A 19 -13.64 4.31 -40.26
C PRO A 19 -14.94 4.72 -39.58
N PHE A 20 -15.75 5.51 -40.26
CA PHE A 20 -16.97 6.04 -39.65
C PHE A 20 -18.23 5.80 -40.48
N ASN A 21 -18.23 4.74 -41.28
CA ASN A 21 -19.43 4.35 -42.02
C ASN A 21 -20.33 3.43 -41.19
N PHE A 22 -20.35 3.67 -39.88
CA PHE A 22 -21.16 2.88 -38.96
C PHE A 22 -22.28 3.75 -38.41
N LEU A 23 -23.39 3.12 -38.01
CA LEU A 23 -24.55 3.87 -37.55
C LEU A 23 -24.48 4.23 -36.07
N PHE A 24 -24.49 5.52 -35.78
CA PHE A 24 -24.65 6.02 -34.42
C PHE A 24 -25.46 7.31 -34.38
N SER A 25 -26.56 7.29 -33.63
CA SER A 25 -27.41 8.47 -33.47
C SER A 25 -27.68 8.71 -31.99
N SER A 26 -27.12 9.79 -31.45
CA SER A 26 -27.21 10.08 -30.03
C SER A 26 -28.65 10.38 -29.58
N ASN A 27 -28.96 10.01 -28.35
CA ASN A 27 -30.27 10.26 -27.77
C ASN A 27 -30.47 11.75 -27.50
N LYS A 28 -31.52 12.31 -28.09
CA LYS A 28 -31.75 13.76 -28.01
C LYS A 28 -32.53 14.16 -26.76
N ILE A 29 -33.25 13.21 -26.17
CA ILE A 29 -33.98 13.48 -24.93
C ILE A 29 -32.98 13.71 -23.80
N THR A 30 -32.05 12.77 -23.67
CA THR A 30 -30.98 12.86 -22.69
C THR A 30 -30.17 14.14 -22.88
N LEU A 31 -29.90 14.48 -24.13
CA LEU A 31 -29.10 15.65 -24.48
C LEU A 31 -29.69 16.97 -23.96
N ARG A 32 -30.98 17.19 -24.23
CA ARG A 32 -31.67 18.40 -23.77
C ARG A 32 -31.85 18.49 -22.26
N LYS A 33 -32.11 17.36 -21.62
CA LYS A 33 -32.29 17.33 -20.18
C LYS A 33 -30.98 17.65 -19.46
N LEU A 34 -29.88 17.20 -20.02
CA LEU A 34 -28.55 17.53 -19.50
C LEU A 34 -28.16 18.96 -19.82
N TYR A 35 -29.03 19.64 -20.58
CA TYR A 35 -28.77 21.00 -21.03
C TYR A 35 -29.41 21.98 -20.04
N ASP A 36 -30.67 21.72 -19.68
CA ASP A 36 -31.43 22.60 -18.79
C ASP A 36 -30.84 22.83 -17.39
N LEU A 37 -30.35 21.78 -16.72
CA LEU A 37 -29.86 21.95 -15.35
C LEU A 37 -28.47 22.57 -15.28
N THR A 38 -27.86 22.82 -16.43
CA THR A 38 -26.46 23.26 -16.45
C THR A 38 -26.20 24.47 -17.34
N LYS A 39 -27.21 24.91 -18.07
CA LYS A 39 -27.05 26.06 -18.96
C LYS A 39 -26.80 27.37 -18.20
N ASN A 40 -27.15 27.38 -16.92
CA ASN A 40 -27.00 28.58 -16.10
C ASN A 40 -25.89 28.46 -15.07
N VAL A 41 -25.12 27.38 -15.15
CA VAL A 41 -23.99 27.17 -14.25
C VAL A 41 -22.78 27.93 -14.79
N ASP A 42 -22.09 28.65 -13.92
CA ASP A 42 -20.93 29.42 -14.34
C ASP A 42 -19.71 28.50 -14.40
N PHE A 43 -19.56 27.84 -15.55
CA PHE A 43 -18.50 26.86 -15.76
C PHE A 43 -17.15 27.57 -15.75
N ASP A 44 -17.13 28.81 -16.24
CA ASP A 44 -15.92 29.61 -16.31
C ASP A 44 -15.32 29.80 -14.92
N GLN A 45 -16.19 30.08 -13.94
CA GLN A 45 -15.74 30.25 -12.57
C GLN A 45 -15.28 28.91 -12.00
N LEU A 46 -15.96 27.84 -12.40
CA LEU A 46 -15.66 26.50 -11.90
C LEU A 46 -14.33 25.94 -12.41
N ARG A 47 -14.09 26.05 -13.72
CA ARG A 47 -12.83 25.56 -14.30
C ARG A 47 -11.61 26.20 -13.65
N GLN A 48 -11.78 27.42 -13.15
CA GLN A 48 -10.67 28.15 -12.53
C GLN A 48 -10.39 27.69 -11.11
N ASN A 49 -11.24 26.81 -10.58
CA ASN A 49 -11.06 26.29 -9.23
C ASN A 49 -10.66 24.82 -9.20
N GLU A 50 -10.69 24.17 -10.36
CA GLU A 50 -10.37 22.75 -10.45
C GLU A 50 -8.88 22.52 -10.16
N CYS A 51 -8.08 23.52 -10.49
CA CYS A 51 -6.65 23.49 -10.21
C CYS A 51 -6.33 24.61 -9.24
N LYS A 52 -5.85 24.24 -8.05
CA LYS A 52 -5.48 25.23 -7.04
C LYS A 52 -4.39 26.14 -7.59
N LYS A 53 -3.19 25.60 -7.76
CA LYS A 53 -2.09 26.36 -8.32
C LYS A 53 -1.41 25.63 -9.48
N ASN A 54 -1.45 26.25 -10.65
CA ASN A 54 -0.84 25.70 -11.87
C ASN A 54 0.61 26.15 -12.05
N ILE A 55 1.55 25.37 -11.53
CA ILE A 55 2.97 25.64 -11.77
C ILE A 55 3.74 24.38 -12.18
N THR A 56 4.80 24.56 -12.98
CA THR A 56 5.63 23.46 -13.44
C THR A 56 6.78 23.17 -12.47
N LEU A 57 7.52 22.10 -12.76
CA LEU A 57 8.63 21.67 -11.91
C LEU A 57 9.83 22.61 -12.02
N SER A 58 10.00 23.24 -13.18
CA SER A 58 11.12 24.13 -13.41
C SER A 58 10.98 25.38 -12.55
N LYS A 59 9.79 25.95 -12.54
CA LYS A 59 9.51 27.13 -11.71
C LYS A 59 9.47 26.77 -10.23
N PHE A 60 9.18 25.50 -9.92
CA PHE A 60 9.18 25.05 -8.53
C PHE A 60 10.59 24.86 -7.99
N TRP A 61 11.48 24.34 -8.82
CA TRP A 61 12.86 24.08 -8.43
C TRP A 61 13.70 25.36 -8.39
N GLU A 62 13.30 26.32 -7.56
CA GLU A 62 14.04 27.57 -7.46
C GLU A 62 14.14 28.04 -6.01
N GLU A 71 17.51 22.12 -20.72
CA GLU A 71 16.66 22.10 -21.91
C GLU A 71 17.47 21.76 -23.16
N ASP A 72 18.29 20.72 -23.06
CA ASP A 72 19.11 20.29 -24.20
C ASP A 72 18.30 19.48 -25.19
N ASP A 73 17.37 18.68 -24.68
CA ASP A 73 16.55 17.82 -25.53
C ASP A 73 15.08 17.82 -25.10
N ASN A 74 14.25 17.16 -25.89
CA ASN A 74 12.81 17.15 -25.65
C ASN A 74 12.38 16.37 -24.40
N TRP A 75 13.26 15.51 -23.90
CA TRP A 75 13.02 14.86 -22.62
C TRP A 75 13.03 15.89 -21.50
N GLU A 76 14.11 16.66 -21.45
CA GLU A 76 14.32 17.65 -20.40
C GLU A 76 13.24 18.72 -20.37
N ARG A 77 12.83 19.18 -21.55
CA ARG A 77 11.77 20.18 -21.66
C ARG A 77 10.42 19.62 -21.23
N PHE A 78 10.21 18.33 -21.46
CA PHE A 78 9.03 17.63 -20.97
C PHE A 78 9.02 17.55 -19.44
N TYR A 79 10.14 17.10 -18.89
CA TYR A 79 10.29 16.96 -17.44
C TYR A 79 10.08 18.30 -16.73
N SER A 80 10.70 19.35 -17.26
CA SER A 80 10.62 20.68 -16.68
C SER A 80 9.19 21.23 -16.74
N ASN A 81 8.46 20.87 -17.78
CA ASN A 81 7.09 21.37 -17.96
C ASN A 81 6.00 20.50 -17.34
N ILE A 82 6.39 19.51 -16.54
CA ILE A 82 5.43 18.74 -15.78
C ILE A 82 4.72 19.64 -14.77
N GLY A 83 3.40 19.76 -14.91
CA GLY A 83 2.64 20.69 -14.10
C GLY A 83 2.10 20.08 -12.82
N SER A 84 1.53 20.92 -11.97
CA SER A 84 1.03 20.48 -10.67
C SER A 84 -0.41 19.97 -10.76
N CYS A 85 -1.05 20.23 -11.89
CA CYS A 85 -2.42 19.81 -12.11
C CYS A 85 -2.55 19.07 -13.44
N SER A 86 -1.42 18.76 -14.05
CA SER A 86 -1.38 18.10 -15.35
C SER A 86 0.03 17.56 -15.60
N VAL A 87 0.12 16.47 -16.35
CA VAL A 87 1.41 15.91 -16.70
C VAL A 87 2.07 16.81 -17.75
N TYR A 88 1.25 17.29 -18.69
CA TYR A 88 1.75 18.19 -19.72
C TYR A 88 0.70 19.15 -20.25
N SER A 89 1.18 20.29 -20.72
CA SER A 89 0.40 21.19 -21.56
C SER A 89 1.32 21.45 -22.73
N ASP A 90 0.78 22.04 -23.81
CA ASP A 90 1.53 22.29 -25.04
C ASP A 90 1.74 20.99 -25.82
N ASP A 91 0.84 20.73 -26.76
CA ASP A 91 0.88 19.52 -27.57
C ASP A 91 2.07 19.45 -28.53
N GLN A 92 2.51 20.60 -29.02
CA GLN A 92 3.55 20.65 -30.05
C GLN A 92 4.91 20.14 -29.58
N MET A 93 5.23 20.35 -28.31
CA MET A 93 6.50 19.86 -27.79
C MET A 93 6.41 18.36 -27.49
N ILE A 94 5.23 17.92 -27.07
CA ILE A 94 4.99 16.51 -26.83
C ILE A 94 5.13 15.73 -28.13
N ASP A 95 4.52 16.26 -29.19
CA ASP A 95 4.69 15.68 -30.53
C ASP A 95 6.16 15.63 -30.94
N ASN A 96 6.94 16.59 -30.47
CA ASN A 96 8.38 16.58 -30.70
C ASN A 96 9.03 15.47 -29.88
N LEU A 97 8.58 15.33 -28.64
CA LEU A 97 9.05 14.25 -27.77
C LEU A 97 8.65 12.88 -28.34
N LEU A 98 7.42 12.78 -28.82
CA LEU A 98 6.94 11.55 -29.45
C LEU A 98 7.80 11.18 -30.65
N HIS A 99 8.03 12.15 -31.53
CA HIS A 99 8.86 11.95 -32.70
C HIS A 99 10.28 11.52 -32.32
N ASP A 100 10.80 12.09 -31.23
CA ASP A 100 12.12 11.74 -30.74
C ASP A 100 12.14 10.31 -30.21
N LEU A 101 11.06 9.93 -29.53
CA LEU A 101 10.93 8.59 -28.97
C LEU A 101 10.94 7.53 -30.08
N ASN A 102 10.34 7.90 -31.21
CA ASN A 102 10.26 7.02 -32.37
C ASN A 102 11.58 6.88 -33.13
N THR A 103 12.39 7.94 -33.15
CA THR A 103 13.52 8.02 -34.06
C THR A 103 14.91 7.96 -33.41
N SER A 104 15.01 8.30 -32.13
CA SER A 104 16.31 8.31 -31.45
C SER A 104 16.98 6.94 -31.48
N PRO A 105 18.29 6.91 -31.78
CA PRO A 105 19.05 5.66 -31.82
C PRO A 105 19.17 5.02 -30.44
N ILE A 106 19.13 3.69 -30.38
CA ILE A 106 19.16 2.98 -29.12
C ILE A 106 20.59 2.63 -28.70
N LYS A 107 20.95 2.97 -27.48
CA LYS A 107 22.28 2.69 -26.95
C LYS A 107 22.28 1.40 -26.14
N HIS A 108 21.34 1.27 -25.23
CA HIS A 108 21.21 0.07 -24.40
C HIS A 108 19.76 -0.42 -24.38
N VAL A 109 19.60 -1.73 -24.27
CA VAL A 109 18.29 -2.33 -24.00
C VAL A 109 18.40 -3.21 -22.77
N HIS A 110 17.61 -2.91 -21.75
CA HIS A 110 17.64 -3.67 -20.51
C HIS A 110 16.26 -4.23 -20.18
N ILE A 111 16.23 -5.36 -19.48
CA ILE A 111 14.96 -5.93 -19.04
C ILE A 111 14.42 -5.03 -17.93
N MET A 112 13.18 -4.58 -18.07
CA MET A 112 12.64 -3.61 -17.13
C MET A 112 12.23 -4.25 -15.81
N ASP A 113 12.60 -3.61 -14.72
CA ASP A 113 12.25 -4.04 -13.36
C ASP A 113 11.02 -3.30 -12.88
N GLY A 114 9.93 -4.02 -12.63
CA GLY A 114 8.69 -3.37 -12.21
C GLY A 114 7.45 -4.24 -12.26
N GLY A 115 6.67 -4.09 -13.32
CA GLY A 115 5.43 -4.84 -13.48
C GLY A 115 5.60 -6.34 -13.65
N THR A 116 4.66 -6.96 -14.37
CA THR A 116 4.67 -8.41 -14.49
C THR A 116 4.77 -8.90 -15.93
N GLN A 117 4.34 -8.08 -16.88
CA GLN A 117 4.38 -8.51 -18.27
C GLN A 117 5.64 -7.99 -18.98
N VAL A 118 5.98 -8.62 -20.11
CA VAL A 118 7.24 -8.33 -20.79
C VAL A 118 7.37 -6.87 -21.23
N LYS A 119 8.43 -6.23 -20.77
CA LYS A 119 8.72 -4.85 -21.15
C LYS A 119 10.18 -4.49 -20.93
N PHE A 120 10.73 -3.68 -21.84
CA PHE A 120 12.12 -3.28 -21.77
C PHE A 120 12.24 -1.81 -21.41
N VAL A 121 13.38 -1.44 -20.84
CA VAL A 121 13.76 -0.03 -20.74
C VAL A 121 14.80 0.29 -21.81
N PHE A 122 14.48 1.25 -22.67
CA PHE A 122 15.40 1.69 -23.70
C PHE A 122 16.30 2.79 -23.16
N THR A 123 17.61 2.62 -23.31
CA THR A 123 18.54 3.71 -23.06
C THR A 123 19.04 4.19 -24.41
N PHE A 124 18.73 5.44 -24.75
CA PHE A 124 19.11 5.99 -26.04
C PHE A 124 20.55 6.48 -26.02
N LYS A 125 21.07 6.82 -27.20
CA LYS A 125 22.43 7.31 -27.36
C LYS A 125 22.69 8.51 -26.46
N ASN A 126 21.71 9.40 -26.38
CA ASN A 126 21.75 10.57 -25.50
C ASN A 126 21.53 10.26 -24.01
N ASP A 127 21.51 8.98 -23.66
CA ASP A 127 21.33 8.52 -22.28
C ASP A 127 19.95 8.79 -21.67
N LYS A 128 19.02 9.32 -22.45
CA LYS A 128 17.63 9.41 -21.99
C LYS A 128 16.95 8.06 -22.16
N GLN A 129 15.77 7.91 -21.56
CA GLN A 129 15.16 6.58 -21.48
C GLN A 129 13.68 6.52 -21.84
N ALA A 130 13.21 5.30 -22.14
CA ALA A 130 11.82 5.04 -22.47
C ALA A 130 11.40 3.64 -22.07
N VAL A 131 10.10 3.42 -21.92
CA VAL A 131 9.56 2.09 -21.63
C VAL A 131 9.02 1.44 -22.91
N PHE A 132 9.51 0.24 -23.20
CA PHE A 132 9.10 -0.49 -24.40
C PHE A 132 8.19 -1.66 -24.09
N LYS A 133 7.04 -1.73 -24.76
CA LYS A 133 6.15 -2.89 -24.68
C LYS A 133 5.93 -3.47 -26.07
N PRO A 134 6.32 -4.74 -26.25
CA PRO A 134 6.29 -5.38 -27.58
C PRO A 134 4.88 -5.68 -28.07
N MET A 135 4.64 -5.45 -29.36
CA MET A 135 3.43 -5.93 -30.02
C MET A 135 3.34 -7.45 -29.90
N ARG A 136 2.12 -7.95 -29.69
CA ARG A 136 1.90 -9.39 -29.71
C ARG A 136 0.92 -9.78 -30.82
N PHE A 137 -0.37 -9.59 -30.56
CA PHE A 137 -1.39 -9.91 -31.58
C PHE A 137 -1.78 -8.71 -32.45
N GLY A 138 -2.57 -8.99 -33.48
CA GLY A 138 -3.05 -7.96 -34.38
C GLY A 138 -4.08 -7.02 -33.77
N ARG A 139 -4.45 -6.00 -34.53
CA ARG A 139 -5.40 -4.99 -34.09
C ARG A 139 -6.81 -5.53 -33.91
N ASP A 140 -7.12 -6.61 -34.64
CA ASP A 140 -8.47 -7.16 -34.68
C ASP A 140 -8.74 -8.12 -33.53
N TYR A 141 -7.68 -8.56 -32.87
CA TYR A 141 -7.78 -9.54 -31.79
C TYR A 141 -8.66 -9.05 -30.65
N GLU A 142 -9.54 -9.92 -30.19
CA GLU A 142 -10.40 -9.63 -29.05
C GLU A 142 -10.06 -10.61 -27.93
N SER A 143 -10.15 -10.15 -26.68
CA SER A 143 -9.80 -10.98 -25.53
C SER A 143 -10.71 -12.20 -25.42
N ASP A 144 -10.13 -13.31 -24.98
CA ASP A 144 -10.89 -14.52 -24.68
C ASP A 144 -11.94 -14.16 -23.63
N PRO A 145 -13.22 -14.44 -23.92
CA PRO A 145 -14.31 -14.14 -22.98
C PRO A 145 -14.18 -14.90 -21.66
N ASN A 146 -13.39 -15.97 -21.67
CA ASN A 146 -13.15 -16.75 -20.45
C ASN A 146 -12.04 -16.15 -19.59
N HIS A 147 -11.33 -15.18 -20.14
CA HIS A 147 -10.22 -14.53 -19.44
C HIS A 147 -10.69 -13.49 -18.44
N PHE A 148 -10.16 -13.56 -17.23
CA PHE A 148 -10.33 -12.49 -16.26
C PHE A 148 -9.43 -11.33 -16.63
N TYR A 149 -9.66 -10.19 -15.99
CA TYR A 149 -8.84 -8.99 -16.19
C TYR A 149 -7.35 -9.26 -15.92
N PHE A 150 -7.06 -10.19 -15.02
CA PHE A 150 -5.68 -10.49 -14.67
C PHE A 150 -5.04 -11.57 -15.55
N SER A 151 -5.76 -12.03 -16.57
CA SER A 151 -5.22 -13.03 -17.48
C SER A 151 -4.94 -12.48 -18.87
N ASP A 152 -5.43 -11.27 -19.14
CA ASP A 152 -5.26 -10.66 -20.45
C ASP A 152 -3.81 -10.23 -20.73
N PHE A 153 -3.29 -10.63 -21.89
CA PHE A 153 -1.98 -10.16 -22.33
C PHE A 153 -2.11 -8.71 -22.77
N GLU A 154 -1.15 -7.88 -22.38
CA GLU A 154 -1.22 -6.45 -22.68
C GLU A 154 -1.11 -6.14 -24.17
N ARG A 155 -1.77 -5.06 -24.57
CA ARG A 155 -1.72 -4.60 -25.95
C ARG A 155 -0.99 -3.26 -26.03
N HIS A 156 0.14 -3.27 -26.72
CA HIS A 156 0.98 -2.08 -26.87
C HIS A 156 0.22 -0.93 -27.53
N HIS A 157 -0.68 -1.27 -28.44
CA HIS A 157 -1.42 -0.26 -29.20
C HIS A 157 -2.51 0.39 -28.35
N ALA A 158 -2.82 -0.24 -27.22
CA ALA A 158 -3.78 0.32 -26.27
C ALA A 158 -3.13 1.45 -25.49
N GLU A 159 -1.86 1.26 -25.14
CA GLU A 159 -1.05 2.28 -24.48
C GLU A 159 -1.00 3.56 -25.33
N ILE A 160 -0.75 3.39 -26.62
CA ILE A 160 -0.71 4.52 -27.54
C ILE A 160 -2.09 5.18 -27.63
N ALA A 161 -3.10 4.37 -27.91
CA ALA A 161 -4.47 4.85 -28.08
C ALA A 161 -4.98 5.65 -26.88
N THR A 162 -4.63 5.22 -25.68
CA THR A 162 -5.15 5.86 -24.47
C THR A 162 -4.49 7.22 -24.22
N PHE A 163 -3.20 7.31 -24.49
CA PHE A 163 -2.49 8.58 -24.35
C PHE A 163 -3.13 9.66 -25.20
N HIS A 164 -3.41 9.32 -26.46
CA HIS A 164 -4.07 10.24 -27.37
C HIS A 164 -5.48 10.57 -26.88
N LEU A 165 -6.22 9.56 -26.46
CA LEU A 165 -7.57 9.77 -25.94
C LEU A 165 -7.56 10.62 -24.67
N ASP A 166 -6.54 10.41 -23.85
CA ASP A 166 -6.38 11.18 -22.61
C ASP A 166 -6.15 12.66 -22.93
N ARG A 167 -5.53 12.91 -24.08
CA ARG A 167 -5.34 14.27 -24.56
C ARG A 167 -6.64 14.83 -25.13
N VAL A 168 -7.29 14.02 -25.97
CA VAL A 168 -8.54 14.42 -26.61
C VAL A 168 -9.58 14.81 -25.57
N LEU A 169 -9.53 14.17 -24.41
CA LEU A 169 -10.44 14.48 -23.31
C LEU A 169 -9.94 15.69 -22.52
N GLY A 170 -8.75 16.15 -22.84
CA GLY A 170 -8.20 17.35 -22.21
C GLY A 170 -7.65 17.08 -20.83
N PHE A 171 -7.42 15.82 -20.51
CA PHE A 171 -6.87 15.47 -19.21
C PHE A 171 -5.38 15.75 -19.19
N ARG A 172 -4.69 15.22 -20.19
CA ARG A 172 -3.23 15.36 -20.33
C ARG A 172 -2.53 14.92 -19.05
N ARG A 173 -3.02 13.82 -18.48
CA ARG A 173 -2.42 13.23 -17.29
C ARG A 173 -1.88 11.84 -17.60
N ALA A 174 -1.85 11.51 -18.89
CA ALA A 174 -1.22 10.28 -19.35
C ALA A 174 0.19 10.58 -19.80
N ILE A 175 0.98 9.53 -19.98
CA ILE A 175 2.39 9.69 -20.33
C ILE A 175 2.61 9.49 -21.83
N PRO A 176 3.32 10.44 -22.47
CA PRO A 176 3.60 10.41 -23.91
C PRO A 176 4.10 9.05 -24.41
N THR A 177 3.38 8.51 -25.39
CA THR A 177 3.66 7.17 -25.91
C THR A 177 3.56 7.21 -27.43
N VAL A 178 4.52 6.58 -28.10
CA VAL A 178 4.51 6.53 -29.56
C VAL A 178 4.77 5.10 -30.04
N GLY A 179 4.26 4.78 -31.23
CA GLY A 179 4.53 3.49 -31.84
C GLY A 179 5.90 3.49 -32.48
N ARG A 180 6.53 2.33 -32.52
CA ARG A 180 7.85 2.20 -33.13
C ARG A 180 8.15 0.77 -33.57
N VAL A 181 8.59 0.61 -34.81
CA VAL A 181 8.97 -0.69 -35.33
C VAL A 181 10.48 -0.89 -35.19
N LEU A 182 10.88 -1.91 -34.45
CA LEU A 182 12.29 -2.14 -34.17
C LEU A 182 12.89 -3.22 -35.08
N ASN A 183 14.15 -3.04 -35.47
CA ASN A 183 14.92 -4.15 -36.03
C ASN A 183 15.42 -4.94 -34.84
N MET A 184 14.87 -6.14 -34.66
CA MET A 184 15.18 -6.96 -33.49
C MET A 184 16.64 -7.32 -33.40
N THR A 185 17.29 -7.43 -34.56
CA THR A 185 18.70 -7.78 -34.61
C THR A 185 19.57 -6.63 -34.13
N THR A 186 19.42 -5.46 -34.75
CA THR A 186 20.30 -4.33 -34.51
C THR A 186 19.90 -3.46 -33.33
N GLU A 187 18.60 -3.25 -33.15
CA GLU A 187 18.11 -2.31 -32.14
C GLU A 187 17.76 -2.98 -30.82
N LEU A 188 17.49 -4.28 -30.85
CA LEU A 188 17.12 -5.01 -29.65
C LEU A 188 18.20 -5.99 -29.22
N PHE A 189 18.39 -7.04 -30.01
CA PHE A 189 19.36 -8.08 -29.69
C PHE A 189 20.79 -7.55 -29.46
N GLU A 190 21.33 -6.85 -30.45
CA GLU A 190 22.69 -6.35 -30.36
C GLU A 190 22.86 -5.26 -29.29
N LYS A 191 21.76 -4.60 -28.94
CA LYS A 191 21.81 -3.54 -27.93
C LYS A 191 21.37 -4.04 -26.55
N ALA A 192 21.07 -5.34 -26.46
CA ALA A 192 20.49 -5.89 -25.24
C ALA A 192 21.56 -6.27 -24.24
N GLU A 193 21.24 -6.13 -22.95
CA GLU A 193 22.12 -6.61 -21.89
C GLU A 193 22.26 -8.12 -22.04
N LYS A 194 23.36 -8.67 -21.52
CA LYS A 194 23.72 -10.07 -21.79
C LYS A 194 22.65 -11.07 -21.35
N LYS A 195 22.11 -10.90 -20.13
CA LYS A 195 21.11 -11.83 -19.63
C LYS A 195 19.80 -11.77 -20.43
N LEU A 196 19.56 -10.62 -21.07
CA LEU A 196 18.43 -10.49 -21.99
C LEU A 196 18.79 -11.10 -23.34
N LYS A 197 20.05 -10.91 -23.73
CA LYS A 197 20.56 -11.39 -25.02
C LYS A 197 20.40 -12.90 -25.16
N LYS A 198 20.63 -13.61 -24.06
CA LYS A 198 20.58 -15.07 -24.05
C LYS A 198 19.17 -15.64 -24.13
N THR A 199 18.17 -14.78 -23.96
CA THR A 199 16.79 -15.21 -24.02
C THR A 199 16.22 -15.07 -25.43
N PHE A 200 17.10 -14.78 -26.38
CA PHE A 200 16.71 -14.69 -27.78
C PHE A 200 16.89 -16.04 -28.47
N PHE A 201 16.09 -16.31 -29.49
CA PHE A 201 16.17 -17.58 -30.21
C PHE A 201 15.36 -17.53 -31.50
N PHE A 202 15.46 -18.58 -32.30
CA PHE A 202 14.66 -18.70 -33.53
C PHE A 202 13.58 -19.78 -33.45
N SER A 203 12.37 -19.38 -33.85
CA SER A 203 11.24 -20.31 -33.94
C SER A 203 11.44 -21.26 -35.12
N PRO A 204 10.68 -22.36 -35.17
CA PRO A 204 10.76 -23.27 -36.32
C PRO A 204 10.45 -22.60 -37.65
N ALA A 205 9.76 -21.47 -37.60
CA ALA A 205 9.42 -20.71 -38.80
C ALA A 205 10.54 -19.73 -39.14
N LYS A 206 11.63 -19.83 -38.38
CA LYS A 206 12.83 -19.01 -38.59
C LYS A 206 12.60 -17.54 -38.27
N ASN A 207 11.56 -17.27 -37.49
CA ASN A 207 11.32 -15.93 -36.99
C ASN A 207 12.15 -15.66 -35.75
N PHE A 208 12.57 -14.41 -35.57
CA PHE A 208 13.41 -14.06 -34.42
C PHE A 208 12.53 -13.80 -33.19
N CYS A 209 12.92 -14.38 -32.07
CA CYS A 209 12.08 -14.36 -30.89
C CYS A 209 12.90 -14.12 -29.63
N PHE A 210 12.28 -13.54 -28.61
CA PHE A 210 12.91 -13.40 -27.31
C PHE A 210 11.94 -13.75 -26.18
N VAL A 211 12.47 -14.34 -25.13
CA VAL A 211 11.67 -14.73 -23.98
C VAL A 211 11.66 -13.63 -22.93
N SER A 212 12.81 -12.98 -22.75
CA SER A 212 13.04 -12.03 -21.67
C SER A 212 12.84 -12.73 -20.32
N ARG A 213 12.77 -11.95 -19.25
CA ARG A 213 12.49 -12.52 -17.94
C ARG A 213 11.50 -11.65 -17.19
N CYS A 214 10.42 -12.26 -16.72
CA CYS A 214 9.38 -11.56 -15.97
C CYS A 214 8.43 -12.55 -15.31
N ASP A 215 7.52 -12.04 -14.49
CA ASP A 215 6.63 -12.88 -13.71
C ASP A 215 5.50 -13.46 -14.55
N TYR A 216 5.07 -12.72 -15.57
CA TYR A 216 3.88 -13.11 -16.34
C TYR A 216 4.21 -13.62 -17.74
N TYR A 217 4.45 -14.93 -17.82
CA TYR A 217 4.55 -15.63 -19.10
C TYR A 217 5.67 -15.17 -20.03
N CYS A 218 6.77 -14.70 -19.43
CA CYS A 218 8.02 -14.61 -20.17
C CYS A 218 8.60 -16.01 -20.28
N ASP A 219 8.05 -16.80 -21.20
CA ASP A 219 8.51 -18.16 -21.44
C ASP A 219 8.60 -18.46 -22.92
N THR A 220 9.13 -19.63 -23.26
CA THR A 220 9.31 -20.02 -24.65
C THR A 220 7.99 -20.06 -25.40
N THR A 221 6.98 -20.63 -24.75
CA THR A 221 5.65 -20.78 -25.36
C THR A 221 5.01 -19.44 -25.72
N HIS A 222 5.21 -18.44 -24.87
CA HIS A 222 4.61 -17.12 -25.09
C HIS A 222 5.64 -16.05 -25.46
N ALA A 223 6.72 -16.49 -26.10
CA ALA A 223 7.77 -15.58 -26.55
C ALA A 223 7.26 -14.54 -27.54
N ILE A 224 7.90 -13.38 -27.55
CA ILE A 224 7.60 -12.34 -28.53
C ILE A 224 8.42 -12.60 -29.79
N CYS A 225 7.75 -12.62 -30.93
CA CYS A 225 8.41 -13.05 -32.17
C CYS A 225 8.17 -12.07 -33.32
N GLY A 226 9.22 -11.80 -34.08
CA GLY A 226 9.11 -10.95 -35.24
C GLY A 226 8.63 -11.73 -36.44
N LEU A 227 8.54 -11.07 -37.59
CA LEU A 227 8.13 -11.77 -38.82
C LEU A 227 8.97 -11.38 -40.04
N PRO A 228 10.27 -11.75 -40.03
CA PRO A 228 10.93 -12.54 -39.00
C PRO A 228 11.68 -11.67 -37.97
N ASP A 229 12.05 -10.44 -38.33
CA ASP A 229 13.00 -9.69 -37.55
C ASP A 229 12.55 -8.27 -37.16
N MET A 230 11.37 -7.86 -37.59
CA MET A 230 10.83 -6.59 -37.11
C MET A 230 9.83 -6.83 -35.99
N LYS A 231 9.65 -5.84 -35.12
CA LYS A 231 8.70 -5.95 -34.03
C LYS A 231 8.28 -4.57 -33.57
N GLU A 232 7.02 -4.25 -33.81
CA GLU A 232 6.44 -3.00 -33.36
C GLU A 232 6.29 -3.02 -31.84
N GLY A 233 6.32 -1.84 -31.23
CA GLY A 233 6.06 -1.73 -29.81
C GLY A 233 5.67 -0.32 -29.43
N SER A 234 5.20 -0.14 -28.20
CA SER A 234 4.90 1.19 -27.70
C SER A 234 6.15 1.74 -27.03
N VAL A 235 6.42 3.00 -27.27
CA VAL A 235 7.59 3.64 -26.68
C VAL A 235 7.12 4.83 -25.84
N GLN A 236 7.31 4.72 -24.54
CA GLN A 236 6.77 5.70 -23.61
C GLN A 236 7.90 6.35 -22.82
N VAL A 237 7.94 7.68 -22.84
CA VAL A 237 8.99 8.42 -22.17
C VAL A 237 9.07 8.05 -20.69
N PHE A 238 10.29 7.81 -20.22
CA PHE A 238 10.52 7.45 -18.83
C PHE A 238 10.09 8.59 -17.91
N LEU A 239 9.57 8.25 -16.75
CA LEU A 239 9.24 9.23 -15.74
C LEU A 239 10.54 9.80 -15.17
N PRO A 240 10.51 11.07 -14.73
CA PRO A 240 11.70 11.67 -14.11
C PRO A 240 12.15 10.86 -12.91
N ASP A 241 13.43 10.96 -12.56
CA ASP A 241 14.02 10.12 -11.53
C ASP A 241 13.26 10.17 -10.21
N GLU A 242 13.22 9.04 -9.51
CA GLU A 242 12.49 8.91 -8.26
C GLU A 242 13.09 9.81 -7.19
N SER A 243 14.42 9.89 -7.17
CA SER A 243 15.12 10.74 -6.22
C SER A 243 14.78 12.21 -6.39
N ALA A 244 14.65 12.64 -7.65
CA ALA A 244 14.34 14.03 -7.96
C ALA A 244 12.84 14.29 -7.84
N VAL A 245 12.05 13.44 -8.50
CA VAL A 245 10.61 13.55 -8.46
C VAL A 245 9.99 12.28 -7.89
N PRO A 246 9.90 12.20 -6.55
CA PRO A 246 9.35 11.01 -5.87
C PRO A 246 7.88 10.80 -6.19
N ARG A 247 7.40 9.56 -6.05
CA ARG A 247 6.03 9.23 -6.39
C ARG A 247 5.31 8.44 -5.29
N LYS A 248 3.98 8.53 -5.28
CA LYS A 248 3.17 7.78 -4.33
C LYS A 248 2.43 6.65 -5.04
N HIS A 249 2.32 5.51 -4.39
CA HIS A 249 1.64 4.36 -4.96
C HIS A 249 0.44 4.06 -4.07
N ASN A 250 -0.76 4.34 -4.57
CA ASN A 250 -1.96 4.21 -3.75
C ASN A 250 -2.98 3.18 -4.25
N ARG A 251 -3.39 2.30 -3.34
CA ARG A 251 -4.41 1.30 -3.60
C ARG A 251 -5.75 1.96 -3.92
N SER A 252 -6.41 1.50 -4.98
CA SER A 252 -7.72 2.01 -5.36
C SER A 252 -8.82 1.42 -4.49
N PRO A 253 -9.76 2.27 -4.04
CA PRO A 253 -10.94 1.79 -3.31
C PRO A 253 -11.88 1.00 -4.23
N TYR A 254 -11.71 1.17 -5.53
CA TYR A 254 -12.47 0.41 -6.51
C TYR A 254 -11.63 -0.68 -7.16
N ARG A 255 -10.60 -1.13 -6.44
CA ARG A 255 -9.83 -2.28 -6.86
C ARG A 255 -10.73 -3.49 -6.99
N ARG A 256 -10.48 -4.30 -8.01
CA ARG A 256 -11.25 -5.53 -8.18
C ARG A 256 -10.67 -6.58 -7.24
N THR A 257 -11.26 -7.77 -7.23
CA THR A 257 -10.86 -8.79 -6.27
C THR A 257 -9.55 -9.44 -6.71
N TYR A 258 -9.42 -9.64 -8.02
CA TYR A 258 -8.29 -10.38 -8.59
C TYR A 258 -8.22 -11.82 -8.09
N SER A 259 -9.38 -12.45 -7.98
CA SER A 259 -9.48 -13.87 -7.65
C SER A 259 -10.67 -14.48 -8.38
N LYS A 260 -10.54 -15.74 -8.78
CA LYS A 260 -11.60 -16.45 -9.48
C LYS A 260 -12.65 -17.05 -8.57
N LYS A 261 -12.33 -17.17 -7.29
CA LYS A 261 -13.28 -17.74 -6.32
C LYS A 261 -14.32 -16.73 -5.88
N ASN A 262 -13.89 -15.69 -5.19
CA ASN A 262 -14.77 -14.60 -4.78
C ASN A 262 -14.71 -13.48 -5.81
N GLN A 263 -15.59 -13.51 -6.81
CA GLN A 263 -15.42 -12.62 -7.96
C GLN A 263 -16.09 -11.25 -7.79
N VAL A 264 -16.68 -11.01 -6.62
CA VAL A 264 -17.47 -9.80 -6.42
C VAL A 264 -16.99 -8.95 -5.23
N ALA A 265 -16.35 -7.83 -5.53
CA ALA A 265 -15.95 -6.86 -4.51
C ALA A 265 -17.19 -6.12 -4.00
N GLU A 266 -17.08 -5.51 -2.81
CA GLU A 266 -18.19 -4.77 -2.21
C GLU A 266 -18.79 -3.72 -3.15
N TRP A 267 -17.94 -2.97 -3.85
CA TRP A 267 -18.39 -1.90 -4.72
C TRP A 267 -19.17 -2.41 -5.93
N GLN A 268 -19.05 -3.71 -6.18
CA GLN A 268 -19.75 -4.34 -7.30
C GLN A 268 -21.15 -4.78 -6.92
N SER A 269 -21.39 -4.92 -5.62
CA SER A 269 -22.68 -5.39 -5.11
C SER A 269 -23.41 -4.33 -4.29
N SER A 270 -22.65 -3.41 -3.70
CA SER A 270 -23.23 -2.39 -2.84
C SER A 270 -23.25 -1.02 -3.49
N MET A 271 -24.46 -0.57 -3.81
CA MET A 271 -24.66 0.71 -4.51
C MET A 271 -24.31 1.91 -3.65
N ASN A 272 -24.25 1.70 -2.33
CA ASN A 272 -23.96 2.77 -1.39
C ASN A 272 -22.48 2.81 -1.03
N TYR A 273 -21.68 2.05 -1.77
CA TYR A 273 -20.25 1.94 -1.52
C TYR A 273 -19.56 3.30 -1.48
N CYS A 274 -19.87 4.16 -2.43
CA CYS A 274 -19.21 5.45 -2.53
C CYS A 274 -19.56 6.34 -1.34
N THR A 275 -20.85 6.41 -1.03
CA THR A 275 -21.34 7.20 0.10
C THR A 275 -20.72 6.74 1.41
N ASP A 276 -20.72 5.43 1.64
CA ASP A 276 -20.29 4.86 2.91
C ASP A 276 -18.78 4.56 3.05
N LYS A 277 -18.12 4.22 1.95
CA LYS A 277 -16.75 3.70 2.06
C LYS A 277 -15.61 4.56 1.51
N VAL A 278 -15.90 5.49 0.60
CA VAL A 278 -14.84 6.35 0.06
C VAL A 278 -15.01 7.84 0.37
N LYS A 279 -16.22 8.35 0.18
CA LYS A 279 -16.53 9.73 0.54
C LYS A 279 -16.22 10.02 2.02
N THR A 280 -16.23 8.97 2.83
CA THR A 280 -15.96 9.10 4.26
C THR A 280 -14.49 8.84 4.63
N LYS A 281 -13.69 8.44 3.65
CA LYS A 281 -12.26 8.22 3.89
C LYS A 281 -11.46 9.51 3.92
N ARG A 282 -10.40 9.50 4.73
CA ARG A 282 -9.53 10.66 4.91
C ARG A 282 -8.99 11.25 3.61
N GLN A 283 -8.38 10.40 2.77
CA GLN A 283 -7.77 10.87 1.53
C GLN A 283 -8.78 11.38 0.50
N TYR A 284 -10.03 10.93 0.60
CA TYR A 284 -11.03 11.25 -0.42
C TYR A 284 -12.12 12.22 0.03
N ALA A 285 -12.17 12.52 1.32
CA ALA A 285 -13.23 13.37 1.85
C ALA A 285 -13.08 14.83 1.41
N HIS A 286 -11.85 15.25 1.19
CA HIS A 286 -11.58 16.62 0.76
C HIS A 286 -10.44 16.68 -0.25
N GLY A 287 -10.67 17.39 -1.35
CA GLY A 287 -9.65 17.58 -2.36
C GLY A 287 -10.09 17.23 -3.78
N ARG A 288 -9.15 16.73 -4.58
CA ARG A 288 -9.40 16.42 -5.98
C ARG A 288 -9.36 14.92 -6.27
N ARG A 289 -8.86 14.15 -5.30
CA ARG A 289 -8.68 12.70 -5.47
C ARG A 289 -9.91 11.96 -5.98
N LEU A 290 -11.08 12.23 -5.39
CA LEU A 290 -12.31 11.58 -5.83
C LEU A 290 -12.71 12.02 -7.23
N LEU A 291 -12.53 13.31 -7.52
CA LEU A 291 -12.81 13.84 -8.85
C LEU A 291 -11.87 13.22 -9.87
N ASP A 292 -10.65 12.93 -9.44
CA ASP A 292 -9.67 12.26 -10.27
C ASP A 292 -10.15 10.84 -10.57
N LEU A 293 -10.59 10.16 -9.52
CA LEU A 293 -11.09 8.79 -9.63
C LEU A 293 -12.27 8.67 -10.60
N VAL A 294 -13.16 9.65 -10.57
CA VAL A 294 -14.30 9.67 -11.50
C VAL A 294 -13.81 9.90 -12.93
N ASP A 295 -12.84 10.80 -13.08
CA ASP A 295 -12.25 11.10 -14.39
C ASP A 295 -11.60 9.86 -15.00
N ILE A 296 -10.85 9.14 -14.18
CA ILE A 296 -10.06 8.00 -14.66
C ILE A 296 -10.93 6.79 -14.99
N HIS A 297 -12.01 6.60 -14.23
CA HIS A 297 -12.93 5.50 -14.50
C HIS A 297 -13.80 5.78 -15.72
N ILE A 298 -13.98 7.06 -16.04
CA ILE A 298 -14.64 7.45 -17.28
C ILE A 298 -13.72 7.07 -18.43
N LEU A 299 -12.43 7.34 -18.26
CA LEU A 299 -11.41 6.97 -19.24
C LEU A 299 -11.31 5.47 -19.37
N ASP A 300 -11.25 4.78 -18.23
CA ASP A 300 -11.17 3.31 -18.19
C ASP A 300 -12.40 2.64 -18.80
N TYR A 301 -13.58 3.23 -18.59
CA TYR A 301 -14.82 2.66 -19.12
C TYR A 301 -14.91 2.79 -20.63
N LEU A 302 -14.46 3.92 -21.16
CA LEU A 302 -14.49 4.16 -22.59
C LEU A 302 -13.58 3.19 -23.33
N ILE A 303 -12.49 2.81 -22.69
CA ILE A 303 -11.51 1.92 -23.28
C ILE A 303 -11.66 0.48 -22.80
N GLY A 304 -12.55 0.27 -21.83
CA GLY A 304 -12.78 -1.06 -21.28
C GLY A 304 -11.63 -1.59 -20.43
N ASN A 305 -10.88 -0.68 -19.82
CA ASN A 305 -9.78 -1.08 -18.94
C ASN A 305 -10.29 -1.45 -17.55
N GLN A 306 -10.13 -2.73 -17.19
CA GLN A 306 -10.60 -3.24 -15.91
C GLN A 306 -9.48 -3.33 -14.88
N ASP A 307 -8.25 -3.05 -15.30
CA ASP A 307 -7.06 -3.37 -14.51
C ASP A 307 -6.57 -2.19 -13.65
N ARG A 308 -7.49 -1.34 -13.21
CA ARG A 308 -7.11 -0.17 -12.42
C ARG A 308 -7.10 -0.49 -10.92
N HIS A 309 -6.04 -1.17 -10.47
CA HIS A 309 -5.93 -1.58 -9.08
C HIS A 309 -5.21 -0.55 -8.21
N HIS A 310 -4.31 0.21 -8.82
CA HIS A 310 -3.56 1.23 -8.09
C HIS A 310 -3.50 2.55 -8.85
N PHE A 311 -3.21 3.62 -8.12
CA PHE A 311 -2.96 4.91 -8.73
C PHE A 311 -1.52 5.32 -8.49
N GLU A 312 -0.94 6.02 -9.46
CA GLU A 312 0.43 6.49 -9.34
C GLU A 312 0.39 8.00 -9.43
N SER A 313 1.10 8.67 -8.53
CA SER A 313 1.03 10.12 -8.45
C SER A 313 2.39 10.69 -8.08
N PHE A 314 2.71 11.86 -8.63
CA PHE A 314 3.90 12.58 -8.21
C PHE A 314 3.73 13.08 -6.78
N ASN A 315 4.83 13.08 -6.03
CA ASN A 315 4.83 13.64 -4.69
C ASN A 315 5.97 14.63 -4.58
N VAL A 316 5.85 15.74 -5.31
CA VAL A 316 6.96 16.65 -5.50
C VAL A 316 6.50 18.10 -5.37
N PHE A 317 5.24 18.36 -5.71
CA PHE A 317 4.68 19.70 -5.56
C PHE A 317 4.14 19.82 -4.15
N ASN A 318 5.04 20.12 -3.22
CA ASN A 318 4.70 20.26 -1.81
C ASN A 318 3.57 21.24 -1.54
N ASP A 319 2.65 20.84 -0.65
CA ASP A 319 1.53 21.68 -0.21
C ASP A 319 0.44 21.87 -1.28
N LEU A 320 0.59 21.16 -2.39
CA LEU A 320 -0.43 21.15 -3.44
C LEU A 320 -1.05 19.77 -3.52
N PRO A 321 -2.32 19.70 -3.94
CA PRO A 321 -2.94 18.37 -4.04
C PRO A 321 -2.37 17.62 -5.23
N SER A 322 -2.07 16.34 -5.04
CA SER A 322 -1.54 15.52 -6.12
C SER A 322 -2.69 15.00 -6.99
N TYR A 323 -2.34 14.53 -8.18
CA TYR A 323 -3.30 13.93 -9.09
C TYR A 323 -2.78 12.58 -9.55
N ALA A 324 -3.68 11.69 -9.92
CA ALA A 324 -3.30 10.37 -10.38
C ALA A 324 -2.77 10.41 -11.81
N ILE A 325 -1.60 9.83 -12.04
CA ILE A 325 -1.05 9.71 -13.38
C ILE A 325 -1.78 8.61 -14.14
N HIS A 326 -2.32 8.96 -15.30
CA HIS A 326 -3.02 7.98 -16.12
C HIS A 326 -2.02 7.03 -16.78
N LEU A 327 -1.76 5.92 -16.10
CA LEU A 327 -0.72 4.98 -16.49
C LEU A 327 -1.31 3.60 -16.76
N ASP A 328 -0.48 2.69 -17.29
CA ASP A 328 -0.83 1.29 -17.44
C ASP A 328 -2.13 1.04 -18.19
N HIS A 329 -2.12 1.24 -19.49
CA HIS A 329 -3.33 1.06 -20.29
C HIS A 329 -3.23 -0.14 -21.23
N GLY A 330 -2.25 -1.01 -20.96
CA GLY A 330 -2.03 -2.20 -21.78
C GLY A 330 -3.21 -3.16 -21.90
N ARG A 331 -4.07 -3.17 -20.89
CA ARG A 331 -5.20 -4.09 -20.87
C ARG A 331 -6.50 -3.42 -21.30
N ALA A 332 -6.37 -2.38 -22.11
CA ALA A 332 -7.52 -1.68 -22.67
C ALA A 332 -7.78 -2.13 -24.09
N PHE A 333 -8.97 -1.81 -24.61
CA PHE A 333 -9.34 -2.13 -25.99
C PHE A 333 -9.29 -3.62 -26.31
N GLY A 334 -9.60 -4.43 -25.32
CA GLY A 334 -9.61 -5.87 -25.49
C GLY A 334 -10.88 -6.40 -26.13
N ARG A 335 -11.99 -5.70 -25.94
CA ARG A 335 -13.28 -6.15 -26.44
C ARG A 335 -14.05 -4.99 -27.08
N SER A 336 -14.53 -5.20 -28.31
CA SER A 336 -15.26 -4.17 -29.03
C SER A 336 -16.77 -4.36 -28.92
N ASP A 337 -17.20 -5.52 -28.46
CA ASP A 337 -18.61 -5.87 -28.44
C ASP A 337 -19.15 -5.97 -27.01
N PHE A 338 -18.36 -5.50 -26.06
CA PHE A 338 -18.73 -5.61 -24.66
C PHE A 338 -18.38 -4.36 -23.87
N ASP A 339 -19.38 -3.82 -23.17
CA ASP A 339 -19.15 -2.70 -22.27
C ASP A 339 -19.30 -3.17 -20.83
N ASP A 340 -18.25 -2.95 -20.03
CA ASP A 340 -18.26 -3.37 -18.64
C ASP A 340 -18.77 -2.22 -17.78
N ASP A 341 -20.06 -2.23 -17.51
CA ASP A 341 -20.72 -1.15 -16.77
C ASP A 341 -20.21 -1.02 -15.33
N ASP A 342 -19.51 -2.05 -14.86
CA ASP A 342 -18.87 -2.01 -13.55
C ASP A 342 -17.78 -0.95 -13.46
N ILE A 343 -17.12 -0.67 -14.58
CA ILE A 343 -16.01 0.29 -14.59
C ILE A 343 -16.53 1.72 -14.32
N ILE A 344 -17.71 2.04 -14.86
CA ILE A 344 -18.28 3.37 -14.72
C ILE A 344 -19.08 3.50 -13.42
N LEU A 345 -19.04 2.46 -12.59
CA LEU A 345 -19.73 2.47 -11.30
C LEU A 345 -19.39 3.64 -10.37
N PRO A 346 -18.10 4.05 -10.29
CA PRO A 346 -17.80 5.20 -9.43
C PRO A 346 -18.56 6.47 -9.79
N LEU A 347 -18.76 6.74 -11.07
CA LEU A 347 -19.59 7.87 -11.48
C LEU A 347 -21.01 7.72 -10.95
N ARG A 348 -21.56 6.52 -11.09
CA ARG A 348 -22.95 6.26 -10.71
C ARG A 348 -23.14 6.24 -9.20
N GLN A 349 -22.12 5.78 -8.48
CA GLN A 349 -22.20 5.67 -7.03
C GLN A 349 -21.82 6.96 -6.31
N CYS A 350 -20.75 7.62 -6.77
CA CYS A 350 -20.28 8.85 -6.12
C CYS A 350 -21.08 10.07 -6.54
N CYS A 351 -21.44 10.12 -7.82
CA CYS A 351 -22.21 11.24 -8.38
C CYS A 351 -21.60 12.63 -8.15
N ILE A 352 -20.28 12.72 -8.23
CA ILE A 352 -19.62 14.01 -8.39
C ILE A 352 -18.82 13.93 -9.68
N LEU A 353 -18.58 15.09 -10.30
CA LEU A 353 -17.97 15.10 -11.62
C LEU A 353 -17.31 16.44 -11.91
N ARG A 354 -16.03 16.39 -12.24
CA ARG A 354 -15.25 17.59 -12.54
C ARG A 354 -15.92 18.37 -13.68
N PRO A 355 -16.21 19.66 -13.42
CA PRO A 355 -17.01 20.50 -14.33
C PRO A 355 -16.41 20.62 -15.72
N SER A 356 -15.09 20.69 -15.82
CA SER A 356 -14.42 20.75 -17.11
C SER A 356 -14.67 19.45 -17.87
N THR A 357 -14.60 18.33 -17.15
CA THR A 357 -14.85 17.02 -17.75
C THR A 357 -16.25 16.97 -18.34
N PHE A 358 -17.23 17.50 -17.62
CA PHE A 358 -18.61 17.49 -18.10
C PHE A 358 -18.73 18.26 -19.40
N GLN A 359 -18.16 19.46 -19.44
CA GLN A 359 -18.18 20.27 -20.65
C GLN A 359 -17.42 19.59 -21.77
N THR A 360 -16.22 19.11 -21.45
CA THR A 360 -15.42 18.32 -22.38
C THR A 360 -16.20 17.10 -22.87
N LEU A 361 -16.80 16.36 -21.94
CA LEU A 361 -17.66 15.23 -22.32
C LEU A 361 -18.79 15.73 -23.21
N MET A 362 -19.47 16.79 -22.77
CA MET A 362 -20.43 17.49 -23.61
C MET A 362 -19.72 17.91 -24.90
N ASN A 363 -20.46 18.43 -25.88
CA ASN A 363 -19.90 18.82 -27.18
C ASN A 363 -19.48 17.58 -27.98
N PHE A 364 -18.73 16.67 -27.36
CA PHE A 364 -18.39 15.42 -28.02
C PHE A 364 -19.64 14.58 -28.24
N TYR A 365 -20.47 14.47 -27.20
CA TYR A 365 -21.71 13.71 -27.30
C TYR A 365 -22.72 14.40 -28.21
N SER A 366 -22.78 15.72 -28.12
CA SER A 366 -23.76 16.52 -28.86
C SER A 366 -23.51 16.45 -30.36
N THR A 367 -22.31 16.00 -30.72
CA THR A 367 -21.98 15.77 -32.11
C THR A 367 -21.53 14.32 -32.25
N PRO A 368 -22.45 13.43 -32.68
CA PRO A 368 -22.16 12.01 -32.81
C PRO A 368 -20.92 11.75 -33.67
N LYS A 369 -20.10 10.79 -33.23
CA LYS A 369 -18.85 10.41 -33.90
C LYS A 369 -17.72 11.41 -33.77
N SER A 370 -17.95 12.50 -33.05
CA SER A 370 -16.92 13.55 -32.97
C SER A 370 -15.75 13.13 -32.09
N LEU A 371 -16.06 12.46 -30.97
CA LEU A 371 -15.01 11.94 -30.09
C LEU A 371 -14.10 10.95 -30.81
N THR A 372 -14.69 9.96 -31.47
CA THR A 372 -13.93 8.96 -32.21
C THR A 372 -13.25 9.52 -33.45
N LYS A 373 -13.84 10.54 -34.06
CA LYS A 373 -13.19 11.24 -35.14
C LYS A 373 -12.02 12.06 -34.62
N ALA A 374 -12.23 12.76 -33.50
CA ALA A 374 -11.19 13.55 -32.86
C ALA A 374 -10.05 12.69 -32.34
N LEU A 375 -10.34 11.42 -32.07
CA LEU A 375 -9.29 10.48 -31.66
C LEU A 375 -8.50 9.94 -32.85
N HIS A 376 -9.20 9.56 -33.90
CA HIS A 376 -8.58 8.94 -35.07
C HIS A 376 -7.49 9.76 -35.76
N GLU A 377 -7.76 11.03 -36.04
CA GLU A 377 -6.76 11.88 -36.71
C GLU A 377 -5.56 12.09 -35.80
N SER A 378 -5.81 12.10 -34.49
CA SER A 378 -4.74 12.23 -33.50
C SER A 378 -3.87 10.99 -33.53
N LEU A 379 -4.52 9.83 -33.55
CA LEU A 379 -3.81 8.56 -33.62
C LEU A 379 -3.05 8.42 -34.94
N SER A 380 -3.64 8.96 -36.01
CA SER A 380 -3.07 8.88 -37.35
C SER A 380 -1.67 9.48 -37.47
N LYS A 381 -1.35 10.47 -36.62
CA LYS A 381 -0.02 11.08 -36.68
C LYS A 381 1.05 10.20 -36.05
N ASP A 382 0.62 9.16 -35.33
CA ASP A 382 1.54 8.20 -34.77
C ASP A 382 2.07 7.34 -35.92
N PRO A 383 3.39 7.17 -36.00
CA PRO A 383 4.07 6.48 -37.11
C PRO A 383 3.63 5.03 -37.26
N ALA A 384 3.01 4.46 -36.24
CA ALA A 384 2.60 3.06 -36.27
C ALA A 384 1.12 2.88 -36.63
N HIS A 385 0.48 3.96 -37.07
CA HIS A 385 -0.93 3.88 -37.42
C HIS A 385 -1.15 2.93 -38.60
N PRO A 386 -2.30 2.25 -38.64
CA PRO A 386 -3.44 2.29 -37.72
C PRO A 386 -3.12 1.78 -36.32
N ILE A 387 -3.53 2.55 -35.30
CA ILE A 387 -3.30 2.18 -33.91
C ILE A 387 -4.42 1.28 -33.39
N LEU A 388 -5.66 1.64 -33.70
CA LEU A 388 -6.81 0.85 -33.27
C LEU A 388 -7.58 0.29 -34.46
N ALA A 389 -8.06 -0.93 -34.31
CA ALA A 389 -9.03 -1.48 -35.25
C ALA A 389 -10.29 -0.61 -35.18
N TYR A 390 -10.90 -0.37 -36.34
CA TYR A 390 -11.99 0.59 -36.43
C TYR A 390 -13.24 0.18 -35.65
N LYS A 391 -13.37 -1.12 -35.39
CA LYS A 391 -14.52 -1.66 -34.67
C LYS A 391 -14.64 -1.13 -33.24
N HIS A 392 -13.55 -0.59 -32.72
CA HIS A 392 -13.54 0.00 -31.38
C HIS A 392 -14.17 1.39 -31.36
N TYR A 393 -14.22 2.03 -32.52
CA TYR A 393 -14.82 3.37 -32.62
C TYR A 393 -16.31 3.41 -32.25
N PRO A 394 -17.15 2.54 -32.85
CA PRO A 394 -18.56 2.57 -32.42
C PRO A 394 -18.72 2.19 -30.96
N ALA A 395 -17.81 1.37 -30.46
CA ALA A 395 -17.85 0.93 -29.07
C ALA A 395 -17.66 2.11 -28.12
N MET A 396 -16.78 3.03 -28.48
CA MET A 396 -16.48 4.18 -27.61
C MET A 396 -17.60 5.22 -27.65
N GLU A 397 -18.27 5.34 -28.78
CA GLU A 397 -19.40 6.25 -28.89
C GLU A 397 -20.56 5.75 -28.04
N ARG A 398 -20.78 4.45 -28.07
CA ARG A 398 -21.84 3.82 -27.29
C ARG A 398 -21.56 3.96 -25.79
N ARG A 399 -20.31 3.76 -25.40
CA ARG A 399 -19.93 3.84 -24.00
C ARG A 399 -20.06 5.28 -23.51
N LEU A 400 -19.77 6.22 -24.41
CA LEU A 400 -19.94 7.64 -24.12
C LEU A 400 -21.40 7.95 -23.79
N ALA A 401 -22.31 7.44 -24.62
CA ALA A 401 -23.74 7.63 -24.43
C ALA A 401 -24.23 7.12 -23.08
N LYS A 402 -23.73 5.97 -22.64
CA LYS A 402 -24.09 5.43 -21.34
C LYS A 402 -23.62 6.33 -20.21
N ILE A 403 -22.44 6.91 -20.37
CA ILE A 403 -21.89 7.82 -19.38
C ILE A 403 -22.81 9.04 -19.21
N MET A 404 -23.32 9.54 -20.33
CA MET A 404 -24.21 10.70 -20.30
C MET A 404 -25.51 10.38 -19.59
N SER A 405 -26.08 9.21 -19.91
CA SER A 405 -27.27 8.72 -19.24
C SER A 405 -27.03 8.57 -17.74
N HIS A 406 -25.86 8.05 -17.40
CA HIS A 406 -25.47 7.87 -16.00
C HIS A 406 -25.26 9.19 -15.26
N ILE A 407 -24.87 10.22 -16.01
CA ILE A 407 -24.71 11.56 -15.44
C ILE A 407 -26.09 12.11 -15.07
N LEU A 408 -27.04 11.93 -15.98
CA LEU A 408 -28.42 12.35 -15.77
C LEU A 408 -29.02 11.71 -14.52
N GLU A 409 -28.66 10.46 -14.25
CA GLU A 409 -29.20 9.73 -13.09
C GLU A 409 -28.67 10.30 -11.78
N CYS A 410 -27.41 10.73 -11.80
CA CYS A 410 -26.77 11.30 -10.62
C CYS A 410 -27.43 12.58 -10.13
N PHE A 411 -27.95 13.38 -11.07
CA PHE A 411 -28.54 14.68 -10.73
C PHE A 411 -29.80 14.69 -9.86
N GLU A 412 -30.85 14.00 -10.28
CA GLU A 412 -32.11 14.03 -9.51
C GLU A 412 -32.02 13.35 -8.15
N SER A 413 -31.20 12.31 -8.05
CA SER A 413 -31.08 11.58 -6.80
C SER A 413 -30.17 12.36 -5.86
N ARG A 414 -28.96 12.67 -6.34
CA ARG A 414 -28.04 13.52 -5.60
C ARG A 414 -27.82 14.83 -6.36
N GLY A 415 -28.61 15.85 -6.01
CA GLY A 415 -28.68 17.16 -6.67
C GLY A 415 -27.63 17.64 -7.67
N VAL A 416 -28.09 18.44 -8.63
CA VAL A 416 -27.23 18.89 -9.72
C VAL A 416 -26.15 19.87 -9.25
N ALA A 417 -26.45 20.63 -8.20
CA ALA A 417 -25.45 21.54 -7.64
C ALA A 417 -24.48 20.79 -6.74
N GLU A 418 -24.79 19.54 -6.47
CA GLU A 418 -23.97 18.69 -5.61
C GLU A 418 -23.02 17.82 -6.44
N VAL A 419 -23.34 17.65 -7.72
CA VAL A 419 -22.52 16.84 -8.61
C VAL A 419 -21.34 17.60 -9.20
N LEU A 420 -21.61 18.69 -9.90
CA LEU A 420 -20.58 19.42 -10.62
C LEU A 420 -19.76 20.34 -9.71
N VAL A 421 -18.74 19.77 -9.08
CA VAL A 421 -17.87 20.54 -8.18
C VAL A 421 -16.41 20.54 -8.66
N ALA A 422 -15.73 21.66 -8.43
CA ALA A 422 -14.34 21.80 -8.85
C ALA A 422 -13.40 21.25 -7.79
N GLU A 423 -13.89 21.22 -6.56
CA GLU A 423 -13.21 20.58 -5.46
C GLU A 423 -14.27 19.84 -4.67
N TYR A 424 -13.92 18.71 -4.08
CA TYR A 424 -14.91 17.98 -3.29
C TYR A 424 -14.69 18.13 -1.79
N ASN A 425 -15.78 18.42 -1.09
CA ASN A 425 -15.76 18.55 0.36
C ASN A 425 -16.94 17.82 1.00
N ASN A 426 -16.63 16.92 1.92
CA ASN A 426 -17.64 16.17 2.63
C ASN A 426 -17.97 16.86 3.95
N PRO A 427 -19.21 17.37 4.08
CA PRO A 427 -19.76 18.05 5.26
C PRO A 427 -19.46 17.34 6.58
N ASP A 428 -19.14 16.05 6.55
CA ASP A 428 -18.94 15.27 7.77
C ASP A 428 -17.50 14.88 8.10
N VAL A 429 -16.52 15.46 7.41
CA VAL A 429 -15.12 15.23 7.75
C VAL A 429 -14.31 16.53 7.71
N PRO B 3 16.20 18.31 32.15
CA PRO B 3 15.51 18.33 30.86
C PRO B 3 14.41 17.27 30.78
N HIS B 4 13.27 17.65 30.21
CA HIS B 4 12.15 16.73 30.07
C HIS B 4 12.46 15.65 29.04
N GLN B 5 13.16 16.05 27.98
CA GLN B 5 13.68 15.09 27.00
C GLN B 5 15.17 14.85 27.27
N PRO B 6 15.48 13.77 27.99
CA PRO B 6 16.84 13.46 28.44
C PRO B 6 17.69 12.77 27.38
N ILE B 7 18.96 12.59 27.68
CA ILE B 7 19.88 11.84 26.83
C ILE B 7 19.47 10.38 26.71
N PRO B 8 19.94 9.70 25.66
CA PRO B 8 19.82 8.24 25.60
C PRO B 8 20.55 7.64 26.79
N PRO B 9 19.87 6.75 27.55
CA PRO B 9 20.44 6.16 28.78
C PRO B 9 21.79 5.50 28.53
N SER B 10 21.99 4.94 27.35
CA SER B 10 23.26 4.31 26.98
C SER B 10 24.42 5.30 27.00
N LEU B 11 24.12 6.58 26.76
CA LEU B 11 25.14 7.62 26.82
C LEU B 11 25.20 8.24 28.20
N GLY B 12 24.44 7.66 29.13
CA GLY B 12 24.40 8.12 30.49
C GLY B 12 25.14 7.18 31.42
N GLU B 13 25.06 7.43 32.72
CA GLU B 13 25.72 6.58 33.71
C GLU B 13 25.19 5.15 33.71
N LYS B 14 26.11 4.18 33.66
CA LYS B 14 25.76 2.77 33.61
C LYS B 14 25.12 2.30 34.92
N ASP B 15 23.88 1.83 34.84
CA ASP B 15 23.19 1.30 36.01
C ASP B 15 23.70 -0.10 36.33
N LEU B 16 24.31 -0.25 37.51
CA LEU B 16 24.90 -1.53 37.89
C LEU B 16 24.03 -2.33 38.85
N SER B 17 22.86 -1.81 39.18
CA SER B 17 21.97 -2.46 40.14
C SER B 17 21.43 -3.77 39.60
N ASP B 18 21.05 -4.67 40.51
CA ASP B 18 20.49 -5.95 40.14
C ASP B 18 19.04 -5.75 39.70
N PRO B 19 18.75 -6.05 38.42
CA PRO B 19 17.41 -5.86 37.85
C PRO B 19 16.38 -6.80 38.46
N PHE B 20 16.84 -7.77 39.24
CA PHE B 20 15.96 -8.81 39.78
C PHE B 20 16.03 -8.94 41.29
N ASN B 21 16.36 -7.85 41.97
CA ASN B 21 16.35 -7.83 43.43
C ASN B 21 14.96 -7.48 43.97
N PHE B 22 13.92 -7.91 43.27
CA PHE B 22 12.55 -7.63 43.70
C PHE B 22 11.86 -8.89 44.18
N LEU B 23 10.91 -8.72 45.09
CA LEU B 23 10.21 -9.85 45.68
C LEU B 23 9.00 -10.28 44.86
N PHE B 24 9.03 -11.52 44.39
CA PHE B 24 7.85 -12.12 43.79
C PHE B 24 7.79 -13.61 44.10
N SER B 25 6.67 -14.04 44.68
CA SER B 25 6.48 -15.44 45.01
C SER B 25 5.16 -15.93 44.44
N SER B 26 5.26 -16.78 43.42
CA SER B 26 4.11 -17.27 42.68
C SER B 26 3.20 -18.14 43.55
N ASN B 27 1.91 -18.13 43.23
CA ASN B 27 0.94 -18.95 43.94
C ASN B 27 1.21 -20.42 43.65
N LYS B 28 1.43 -21.20 44.71
CA LYS B 28 1.80 -22.60 44.54
C LYS B 28 0.55 -23.45 44.38
N ILE B 29 -0.57 -22.92 44.85
CA ILE B 29 -1.86 -23.56 44.68
C ILE B 29 -2.27 -23.50 43.22
N THR B 30 -2.21 -22.31 42.64
CA THR B 30 -2.52 -22.10 41.23
C THR B 30 -1.64 -22.98 40.34
N LEU B 31 -0.36 -23.07 40.70
CA LEU B 31 0.61 -23.86 39.92
C LEU B 31 0.24 -25.34 39.85
N ARG B 32 -0.05 -25.96 40.99
CA ARG B 32 -0.43 -27.37 41.00
C ARG B 32 -1.75 -27.68 40.33
N LYS B 33 -2.74 -26.81 40.51
CA LYS B 33 -4.03 -27.04 39.87
C LYS B 33 -3.90 -26.93 38.35
N LEU B 34 -3.05 -26.01 37.89
CA LEU B 34 -2.75 -25.87 36.47
C LEU B 34 -1.83 -26.99 35.98
N TYR B 35 -1.40 -27.84 36.90
CA TYR B 35 -0.54 -28.98 36.60
C TYR B 35 -1.38 -30.25 36.51
N ASP B 36 -2.23 -30.45 37.52
CA ASP B 36 -3.11 -31.61 37.59
C ASP B 36 -4.06 -31.63 36.40
N LEU B 37 -4.55 -30.46 36.05
CA LEU B 37 -5.53 -30.29 34.98
C LEU B 37 -4.93 -30.39 33.57
N THR B 38 -3.59 -30.50 33.49
CA THR B 38 -2.89 -30.50 32.20
C THR B 38 -1.80 -31.57 32.08
N LYS B 39 -1.56 -32.31 33.17
CA LYS B 39 -0.51 -33.34 33.15
C LYS B 39 -0.77 -34.48 32.18
N ASN B 40 -2.02 -34.66 31.78
CA ASN B 40 -2.38 -35.74 30.86
C ASN B 40 -2.75 -35.25 29.47
N VAL B 41 -2.53 -33.96 29.22
CA VAL B 41 -2.82 -33.38 27.91
C VAL B 41 -1.69 -33.63 26.93
N ASP B 42 -2.06 -34.08 25.73
CA ASP B 42 -1.07 -34.34 24.69
C ASP B 42 -0.78 -33.04 23.97
N PHE B 43 0.16 -32.27 24.53
CA PHE B 43 0.51 -30.96 23.98
C PHE B 43 1.15 -31.12 22.61
N ASP B 44 1.88 -32.22 22.44
CA ASP B 44 2.56 -32.52 21.19
C ASP B 44 1.63 -32.57 19.99
N GLN B 45 0.49 -33.25 20.15
CA GLN B 45 -0.48 -33.38 19.08
C GLN B 45 -1.20 -32.07 18.80
N LEU B 46 -1.44 -31.30 19.87
CA LEU B 46 -2.16 -30.04 19.77
C LEU B 46 -1.38 -28.96 19.04
N ARG B 47 -0.10 -28.79 19.42
CA ARG B 47 0.78 -27.80 18.80
C ARG B 47 0.94 -27.94 17.29
N GLN B 48 0.80 -29.17 16.78
CA GLN B 48 1.02 -29.45 15.38
C GLN B 48 -0.13 -29.04 14.47
N ASN B 49 -1.22 -28.56 15.05
CA ASN B 49 -2.38 -28.12 14.28
C ASN B 49 -2.53 -26.60 14.30
N GLU B 50 -1.69 -25.95 15.09
CA GLU B 50 -1.72 -24.50 15.24
C GLU B 50 -1.35 -23.81 13.95
N CYS B 51 -0.50 -24.46 13.16
CA CYS B 51 -0.09 -23.95 11.87
C CYS B 51 -0.56 -24.89 10.76
N LYS B 52 -1.42 -24.38 9.88
CA LYS B 52 -1.91 -25.15 8.75
C LYS B 52 -0.75 -25.60 7.85
N LYS B 53 -0.15 -24.64 7.17
CA LYS B 53 1.00 -24.91 6.31
C LYS B 53 2.15 -23.95 6.60
N ASN B 54 3.31 -24.49 6.99
CA ASN B 54 4.48 -23.66 7.25
C ASN B 54 5.33 -23.49 5.99
N ILE B 55 5.05 -22.43 5.23
CA ILE B 55 5.89 -22.07 4.08
C ILE B 55 6.23 -20.58 4.11
N THR B 56 7.40 -20.23 3.60
CA THR B 56 7.83 -18.84 3.53
C THR B 56 7.36 -18.19 2.24
N LEU B 57 7.61 -16.88 2.11
CA LEU B 57 7.18 -16.14 0.93
C LEU B 57 8.01 -16.49 -0.30
N SER B 58 9.27 -16.83 -0.08
CA SER B 58 10.17 -17.19 -1.17
C SER B 58 9.77 -18.53 -1.78
N LYS B 59 9.49 -19.50 -0.91
CA LYS B 59 9.04 -20.82 -1.34
C LYS B 59 7.62 -20.74 -1.89
N PHE B 60 6.89 -19.71 -1.48
CA PHE B 60 5.52 -19.49 -1.95
C PHE B 60 5.50 -18.98 -3.39
N TRP B 61 6.53 -18.21 -3.76
CA TRP B 61 6.60 -17.64 -5.09
C TRP B 61 6.90 -18.71 -6.15
N GLU B 62 7.51 -19.81 -5.70
CA GLU B 62 7.82 -20.92 -6.58
C GLU B 62 6.55 -21.51 -7.21
N GLU B 71 18.34 -12.10 -2.08
CA GLU B 71 19.00 -12.27 -0.79
C GLU B 71 20.38 -11.61 -0.78
N ASP B 72 20.45 -10.36 -1.23
CA ASP B 72 21.70 -9.62 -1.26
C ASP B 72 22.05 -9.08 0.11
N ASP B 73 21.03 -8.67 0.87
CA ASP B 73 21.23 -8.11 2.20
C ASP B 73 20.21 -8.65 3.19
N ASN B 74 20.37 -8.29 4.47
CA ASN B 74 19.53 -8.82 5.53
C ASN B 74 18.06 -8.40 5.47
N TRP B 75 17.77 -7.33 4.73
CA TRP B 75 16.38 -6.97 4.48
C TRP B 75 15.73 -8.02 3.59
N GLU B 76 16.38 -8.33 2.48
CA GLU B 76 15.85 -9.25 1.48
C GLU B 76 15.62 -10.67 2.02
N ARG B 77 16.57 -11.17 2.80
CA ARG B 77 16.40 -12.49 3.40
C ARG B 77 15.31 -12.50 4.48
N PHE B 78 15.13 -11.38 5.15
CA PHE B 78 14.02 -11.23 6.09
C PHE B 78 12.69 -11.28 5.35
N TYR B 79 12.58 -10.48 4.29
CA TYR B 79 11.38 -10.44 3.47
C TYR B 79 11.05 -11.82 2.90
N SER B 80 12.07 -12.49 2.38
CA SER B 80 11.89 -13.80 1.77
C SER B 80 11.44 -14.85 2.78
N ASN B 81 11.91 -14.71 4.02
CA ASN B 81 11.58 -15.67 5.07
C ASN B 81 10.34 -15.33 5.89
N ILE B 82 9.57 -14.34 5.46
CA ILE B 82 8.28 -14.07 6.09
C ILE B 82 7.39 -15.30 5.93
N GLY B 83 7.04 -15.92 7.04
CA GLY B 83 6.31 -17.18 7.01
C GLY B 83 4.80 -17.04 7.06
N SER B 84 4.10 -18.15 6.89
CA SER B 84 2.65 -18.18 6.86
C SER B 84 2.07 -18.29 8.27
N CYS B 85 2.93 -18.61 9.24
CA CYS B 85 2.51 -18.74 10.63
C CYS B 85 3.41 -17.94 11.55
N SER B 86 4.28 -17.13 10.96
CA SER B 86 5.25 -16.34 11.71
C SER B 86 5.84 -15.28 10.82
N VAL B 87 6.22 -14.15 11.41
CA VAL B 87 6.88 -13.08 10.66
C VAL B 87 8.31 -13.52 10.38
N TYR B 88 8.92 -14.19 11.36
CA TYR B 88 10.28 -14.69 11.19
C TYR B 88 10.59 -15.93 12.02
N SER B 89 11.51 -16.73 11.49
CA SER B 89 12.17 -17.79 12.23
C SER B 89 13.64 -17.53 12.00
N ASP B 90 14.51 -18.18 12.78
CA ASP B 90 15.97 -17.98 12.69
C ASP B 90 16.32 -16.64 13.33
N ASP B 91 16.66 -16.67 14.61
CA ASP B 91 16.99 -15.46 15.36
C ASP B 91 18.30 -14.81 14.90
N GLN B 92 19.25 -15.63 14.46
CA GLN B 92 20.57 -15.15 14.10
C GLN B 92 20.57 -14.20 12.91
N MET B 93 19.66 -14.43 11.97
CA MET B 93 19.57 -13.56 10.81
C MET B 93 18.84 -12.27 11.15
N ILE B 94 17.85 -12.38 12.02
CA ILE B 94 17.14 -11.22 12.52
C ILE B 94 18.07 -10.34 13.36
N ASP B 95 18.85 -10.99 14.23
CA ASP B 95 19.87 -10.30 15.01
C ASP B 95 20.85 -9.56 14.10
N ASN B 96 21.10 -10.11 12.92
CA ASN B 96 21.93 -9.46 11.92
C ASN B 96 21.22 -8.27 11.30
N LEU B 97 19.92 -8.43 11.04
CA LEU B 97 19.10 -7.35 10.52
C LEU B 97 19.04 -6.19 11.50
N LEU B 98 18.90 -6.52 12.79
CA LEU B 98 18.90 -5.52 13.84
C LEU B 98 20.18 -4.70 13.83
N HIS B 99 21.33 -5.40 13.79
CA HIS B 99 22.62 -4.74 13.70
C HIS B 99 22.72 -3.87 12.45
N ASP B 100 22.14 -4.35 11.36
CA ASP B 100 22.14 -3.60 10.11
C ASP B 100 21.29 -2.35 10.25
N LEU B 101 20.16 -2.48 10.93
CA LEU B 101 19.26 -1.36 11.14
C LEU B 101 19.91 -0.28 12.00
N ASN B 102 20.72 -0.71 12.96
CA ASN B 102 21.43 0.21 13.84
C ASN B 102 22.62 0.92 13.18
N THR B 103 23.28 0.23 12.26
CA THR B 103 24.58 0.69 11.77
C THR B 103 24.59 1.19 10.32
N SER B 104 23.64 0.75 9.51
CA SER B 104 23.61 1.17 8.11
C SER B 104 23.49 2.69 8.00
N PRO B 105 24.29 3.30 7.11
CA PRO B 105 24.25 4.75 6.92
C PRO B 105 22.91 5.21 6.33
N ILE B 106 22.45 6.38 6.77
CA ILE B 106 21.17 6.89 6.31
C ILE B 106 21.37 7.76 5.09
N LYS B 107 20.61 7.48 4.04
CA LYS B 107 20.72 8.25 2.80
C LYS B 107 19.65 9.35 2.78
N HIS B 108 18.41 8.97 3.04
CA HIS B 108 17.30 9.93 3.07
C HIS B 108 16.44 9.73 4.32
N VAL B 109 15.87 10.83 4.81
CA VAL B 109 14.86 10.76 5.87
C VAL B 109 13.59 11.48 5.42
N HIS B 110 12.48 10.75 5.41
CA HIS B 110 11.21 11.32 5.00
C HIS B 110 10.17 11.17 6.10
N ILE B 111 9.23 12.10 6.17
CA ILE B 111 8.15 11.99 7.13
C ILE B 111 7.19 10.91 6.66
N MET B 112 6.91 9.95 7.54
CA MET B 112 6.09 8.80 7.17
C MET B 112 4.62 9.16 7.15
N ASP B 113 3.90 8.73 6.12
CA ASP B 113 2.47 8.98 6.06
C ASP B 113 1.75 7.77 6.64
N GLY B 114 1.15 7.96 7.82
CA GLY B 114 0.48 6.88 8.50
C GLY B 114 0.27 7.22 9.96
N GLY B 115 -0.69 6.56 10.61
CA GLY B 115 -0.97 6.77 12.01
C GLY B 115 -1.16 8.23 12.38
N THR B 116 -0.84 8.56 13.63
CA THR B 116 -1.07 9.92 14.13
C THR B 116 0.17 10.60 14.71
N GLN B 117 1.11 9.82 15.22
CA GLN B 117 2.29 10.39 15.87
C GLN B 117 3.56 10.43 15.02
N VAL B 118 4.51 11.24 15.47
CA VAL B 118 5.74 11.52 14.73
C VAL B 118 6.59 10.29 14.43
N LYS B 119 6.87 10.07 13.15
CA LYS B 119 7.73 8.97 12.72
C LYS B 119 8.31 9.21 11.33
N PHE B 120 9.54 8.76 11.13
CA PHE B 120 10.22 8.95 9.86
C PHE B 120 10.35 7.60 9.15
N VAL B 121 10.45 7.66 7.82
CA VAL B 121 10.92 6.50 7.07
C VAL B 121 12.37 6.74 6.65
N PHE B 122 13.25 5.84 7.07
CA PHE B 122 14.65 5.93 6.73
C PHE B 122 14.93 5.24 5.40
N THR B 123 15.61 5.93 4.50
CA THR B 123 16.14 5.29 3.30
C THR B 123 17.65 5.16 3.46
N PHE B 124 18.13 3.93 3.53
CA PHE B 124 19.54 3.68 3.73
C PHE B 124 20.29 3.73 2.40
N LYS B 125 21.62 3.72 2.46
CA LYS B 125 22.46 3.74 1.27
C LYS B 125 22.10 2.60 0.32
N ASN B 126 21.83 1.42 0.87
CA ASN B 126 21.41 0.26 0.09
C ASN B 126 19.96 0.31 -0.41
N ASP B 127 19.33 1.48 -0.27
CA ASP B 127 17.95 1.71 -0.73
C ASP B 127 16.87 0.92 0.02
N LYS B 128 17.27 0.18 1.05
CA LYS B 128 16.28 -0.44 1.94
C LYS B 128 15.74 0.58 2.93
N GLN B 129 14.67 0.23 3.64
CA GLN B 129 13.99 1.20 4.47
C GLN B 129 13.63 0.72 5.87
N ALA B 130 13.36 1.68 6.75
CA ALA B 130 12.97 1.39 8.13
C ALA B 130 12.07 2.50 8.66
N VAL B 131 11.31 2.18 9.70
CA VAL B 131 10.47 3.17 10.37
C VAL B 131 11.15 3.67 11.64
N PHE B 132 11.28 4.99 11.76
CA PHE B 132 11.95 5.58 12.90
C PHE B 132 10.98 6.29 13.83
N LYS B 133 11.05 5.95 15.12
CA LYS B 133 10.30 6.66 16.15
C LYS B 133 11.25 7.22 17.20
N PRO B 134 11.25 8.55 17.35
CA PRO B 134 12.19 9.27 18.22
C PRO B 134 11.92 9.09 19.71
N MET B 135 12.98 8.96 20.50
CA MET B 135 12.88 9.05 21.95
C MET B 135 12.28 10.39 22.36
N ARG B 136 11.43 10.37 23.38
CA ARG B 136 10.92 11.61 23.94
C ARG B 136 11.36 11.75 25.40
N PHE B 137 10.67 11.08 26.30
CA PHE B 137 11.04 11.11 27.71
C PHE B 137 11.95 9.94 28.09
N GLY B 138 12.47 9.98 29.31
CA GLY B 138 13.33 8.94 29.83
C GLY B 138 12.61 7.63 30.08
N ARG B 139 13.39 6.61 30.44
CA ARG B 139 12.86 5.27 30.70
C ARG B 139 11.92 5.26 31.91
N ASP B 140 12.09 6.25 32.79
CA ASP B 140 11.36 6.28 34.05
C ASP B 140 9.98 6.91 33.95
N TYR B 141 9.73 7.65 32.88
CA TYR B 141 8.46 8.36 32.73
C TYR B 141 7.27 7.40 32.73
N GLU B 142 6.25 7.76 33.49
CA GLU B 142 5.00 7.01 33.55
C GLU B 142 3.87 7.89 33.04
N SER B 143 2.90 7.27 32.38
CA SER B 143 1.78 8.01 31.82
C SER B 143 0.97 8.70 32.91
N ASP B 144 0.48 9.90 32.62
CA ASP B 144 -0.42 10.61 33.52
C ASP B 144 -1.65 9.73 33.73
N PRO B 145 -2.01 9.49 35.00
CA PRO B 145 -3.21 8.70 35.31
C PRO B 145 -4.47 9.34 34.77
N ASN B 146 -4.41 10.64 34.49
CA ASN B 146 -5.55 11.35 33.92
C ASN B 146 -5.64 11.22 32.40
N HIS B 147 -4.59 10.66 31.79
CA HIS B 147 -4.55 10.47 30.34
C HIS B 147 -5.29 9.21 29.92
N PHE B 148 -6.16 9.34 28.91
CA PHE B 148 -6.72 8.16 28.28
C PHE B 148 -5.68 7.52 27.38
N TYR B 149 -5.97 6.29 26.94
CA TYR B 149 -5.10 5.55 26.02
C TYR B 149 -4.81 6.32 24.72
N PHE B 150 -5.76 7.15 24.30
CA PHE B 150 -5.60 7.90 23.06
C PHE B 150 -4.93 9.26 23.29
N SER B 151 -4.50 9.48 24.53
CA SER B 151 -3.81 10.71 24.90
C SER B 151 -2.32 10.44 25.17
N ASP B 152 -1.97 9.16 25.24
CA ASP B 152 -0.61 8.74 25.55
C ASP B 152 0.36 9.04 24.40
N PHE B 153 1.47 9.70 24.73
CA PHE B 153 2.55 9.89 23.78
C PHE B 153 3.25 8.55 23.65
N GLU B 154 3.56 8.15 22.42
CA GLU B 154 4.20 6.86 22.21
C GLU B 154 5.63 6.84 22.73
N ARG B 155 6.07 5.68 23.19
CA ARG B 155 7.42 5.48 23.70
C ARG B 155 8.21 4.57 22.78
N HIS B 156 9.29 5.11 22.20
CA HIS B 156 10.11 4.39 21.23
C HIS B 156 10.69 3.11 21.81
N HIS B 157 11.01 3.14 23.10
CA HIS B 157 11.66 2.01 23.75
C HIS B 157 10.68 0.87 24.00
N ALA B 158 9.38 1.18 23.90
CA ALA B 158 8.36 0.16 24.06
C ALA B 158 8.27 -0.71 22.82
N GLU B 159 8.41 -0.07 21.65
CA GLU B 159 8.46 -0.79 20.37
C GLU B 159 9.59 -1.81 20.37
N ILE B 160 10.75 -1.39 20.84
CA ILE B 160 11.92 -2.27 20.95
C ILE B 160 11.65 -3.39 21.93
N ALA B 161 11.26 -3.02 23.15
CA ALA B 161 11.01 -3.96 24.23
C ALA B 161 9.97 -5.02 23.89
N THR B 162 8.93 -4.62 23.15
CA THR B 162 7.83 -5.52 22.84
C THR B 162 8.22 -6.53 21.78
N PHE B 163 9.02 -6.10 20.81
CA PHE B 163 9.54 -7.01 19.80
C PHE B 163 10.31 -8.16 20.45
N HIS B 164 11.18 -7.80 21.40
CA HIS B 164 11.95 -8.80 22.14
C HIS B 164 11.05 -9.74 22.94
N LEU B 165 10.08 -9.18 23.65
CA LEU B 165 9.14 -9.98 24.42
C LEU B 165 8.35 -10.91 23.51
N ASP B 166 8.01 -10.42 22.32
CA ASP B 166 7.29 -11.21 21.34
C ASP B 166 8.13 -12.40 20.89
N ARG B 167 9.44 -12.25 20.90
CA ARG B 167 10.35 -13.35 20.59
C ARG B 167 10.45 -14.30 21.77
N VAL B 168 10.65 -13.73 22.96
CA VAL B 168 10.78 -14.49 24.19
C VAL B 168 9.57 -15.40 24.43
N LEU B 169 8.40 -14.95 24.00
CA LEU B 169 7.19 -15.74 24.13
C LEU B 169 7.04 -16.75 22.99
N GLY B 170 7.93 -16.65 22.00
CA GLY B 170 7.95 -17.59 20.90
C GLY B 170 6.90 -17.33 19.83
N PHE B 171 6.34 -16.12 19.83
CA PHE B 171 5.34 -15.76 18.83
C PHE B 171 6.00 -15.43 17.50
N ARG B 172 7.01 -14.56 17.56
CA ARG B 172 7.74 -14.13 16.38
C ARG B 172 6.83 -13.58 15.28
N ARG B 173 5.83 -12.81 15.70
CA ARG B 173 4.90 -12.17 14.78
C ARG B 173 5.03 -10.64 14.87
N ALA B 174 6.07 -10.19 15.56
CA ALA B 174 6.40 -8.78 15.62
C ALA B 174 7.46 -8.44 14.58
N ILE B 175 7.66 -7.15 14.34
CA ILE B 175 8.59 -6.70 13.32
C ILE B 175 9.92 -6.29 13.96
N PRO B 176 11.04 -6.80 13.43
CA PRO B 176 12.38 -6.53 13.95
C PRO B 176 12.64 -5.06 14.24
N THR B 177 13.00 -4.76 15.48
CA THR B 177 13.19 -3.38 15.91
C THR B 177 14.44 -3.27 16.75
N VAL B 178 15.25 -2.25 16.50
CA VAL B 178 16.47 -2.02 17.25
C VAL B 178 16.58 -0.56 17.66
N GLY B 179 17.28 -0.31 18.77
CA GLY B 179 17.56 1.04 19.20
C GLY B 179 18.71 1.62 18.39
N ARG B 180 18.71 2.94 18.24
CA ARG B 180 19.77 3.61 17.49
C ARG B 180 19.90 5.07 17.89
N VAL B 181 21.12 5.48 18.19
CA VAL B 181 21.39 6.88 18.54
C VAL B 181 21.86 7.64 17.31
N LEU B 182 21.08 8.64 16.92
CA LEU B 182 21.36 9.41 15.71
C LEU B 182 22.05 10.74 16.04
N ASN B 183 22.97 11.14 15.17
CA ASN B 183 23.44 12.52 15.16
C ASN B 183 22.38 13.29 14.39
N MET B 184 21.63 14.13 15.09
CA MET B 184 20.50 14.84 14.48
C MET B 184 20.92 15.73 13.33
N THR B 185 22.14 16.25 13.40
CA THR B 185 22.66 17.13 12.36
C THR B 185 22.98 16.36 11.09
N THR B 186 23.80 15.32 11.22
CA THR B 186 24.33 14.61 10.05
C THR B 186 23.42 13.52 9.52
N GLU B 187 22.76 12.78 10.41
CA GLU B 187 21.95 11.64 9.99
C GLU B 187 20.47 11.99 9.81
N LEU B 188 20.03 13.05 10.46
CA LEU B 188 18.63 13.46 10.36
C LEU B 188 18.47 14.76 9.59
N PHE B 189 18.95 15.86 10.15
CA PHE B 189 18.81 17.18 9.55
C PHE B 189 19.35 17.24 8.12
N GLU B 190 20.63 16.91 7.97
CA GLU B 190 21.29 17.00 6.66
C GLU B 190 20.76 15.97 5.67
N LYS B 191 20.17 14.89 6.19
CA LYS B 191 19.62 13.84 5.35
C LYS B 191 18.10 13.95 5.14
N ALA B 192 17.50 15.00 5.69
CA ALA B 192 16.04 15.12 5.69
C ALA B 192 15.51 15.71 4.40
N GLU B 193 14.32 15.28 4.00
CA GLU B 193 13.63 15.88 2.87
C GLU B 193 13.37 17.35 3.15
N LYS B 194 13.16 18.12 2.09
CA LYS B 194 13.14 19.58 2.18
C LYS B 194 12.12 20.11 3.19
N LYS B 195 10.90 19.59 3.13
CA LYS B 195 9.83 20.03 4.04
C LYS B 195 10.03 19.61 5.50
N LEU B 196 10.78 18.53 5.72
CA LEU B 196 11.09 18.08 7.08
C LEU B 196 12.20 18.95 7.66
N LYS B 197 13.16 19.32 6.83
CA LYS B 197 14.28 20.17 7.24
C LYS B 197 13.78 21.49 7.81
N LYS B 198 12.71 22.01 7.23
CA LYS B 198 12.16 23.31 7.61
C LYS B 198 11.48 23.30 8.97
N THR B 199 11.22 22.11 9.51
CA THR B 199 10.59 21.99 10.81
C THR B 199 11.63 21.85 11.92
N PHE B 200 12.90 22.04 11.56
CA PHE B 200 13.98 21.99 12.54
C PHE B 200 14.28 23.37 13.10
N PHE B 201 14.77 23.41 14.34
CA PHE B 201 15.11 24.67 14.99
C PHE B 201 15.91 24.40 16.27
N PHE B 202 16.39 25.48 16.88
CA PHE B 202 17.08 25.39 18.16
C PHE B 202 16.23 25.97 19.27
N SER B 203 16.10 25.23 20.37
CA SER B 203 15.37 25.68 21.54
C SER B 203 16.15 26.80 22.23
N PRO B 204 15.48 27.55 23.14
CA PRO B 204 16.19 28.59 23.89
C PRO B 204 17.38 28.06 24.68
N ALA B 205 17.38 26.75 24.97
CA ALA B 205 18.49 26.12 25.67
C ALA B 205 19.54 25.65 24.66
N LYS B 206 19.31 26.00 23.40
CA LYS B 206 20.23 25.72 22.29
C LYS B 206 20.35 24.23 21.94
N ASN B 207 19.35 23.45 22.34
CA ASN B 207 19.27 22.06 21.92
C ASN B 207 18.58 21.96 20.56
N PHE B 208 18.98 20.98 19.76
CA PHE B 208 18.45 20.84 18.41
C PHE B 208 17.11 20.09 18.44
N CYS B 209 16.13 20.63 17.71
CA CYS B 209 14.76 20.14 17.79
C CYS B 209 14.09 20.09 16.41
N PHE B 210 13.13 19.18 16.27
CA PHE B 210 12.31 19.15 15.05
C PHE B 210 10.83 18.96 15.38
N VAL B 211 9.97 19.58 14.57
CA VAL B 211 8.53 19.51 14.75
C VAL B 211 7.94 18.37 13.94
N SER B 212 8.49 18.17 12.75
CA SER B 212 7.94 17.23 11.76
C SER B 212 6.50 17.60 11.40
N ARG B 213 5.80 16.67 10.75
CA ARG B 213 4.39 16.88 10.42
C ARG B 213 3.58 15.63 10.70
N CYS B 214 2.54 15.77 11.50
CA CYS B 214 1.63 14.68 11.82
C CYS B 214 0.38 15.20 12.52
N ASP B 215 -0.60 14.32 12.72
CA ASP B 215 -1.88 14.72 13.29
C ASP B 215 -1.82 14.90 14.81
N TYR B 216 -0.93 14.15 15.46
CA TYR B 216 -0.92 14.13 16.93
C TYR B 216 0.28 14.89 17.50
N TYR B 217 0.08 16.19 17.70
CA TYR B 217 1.01 17.04 18.43
C TYR B 217 2.40 17.14 17.83
N CYS B 218 2.48 17.02 16.50
CA CYS B 218 3.66 17.50 15.80
C CYS B 218 3.57 19.01 15.70
N ASP B 219 3.86 19.66 16.83
CA ASP B 219 3.88 21.12 16.91
C ASP B 219 5.11 21.55 17.69
N THR B 220 5.34 22.86 17.75
CA THR B 220 6.53 23.40 18.41
C THR B 220 6.58 23.03 19.90
N THR B 221 5.43 23.13 20.57
CA THR B 221 5.34 22.86 22.00
C THR B 221 5.77 21.43 22.36
N HIS B 222 5.42 20.47 21.53
CA HIS B 222 5.72 19.07 21.80
C HIS B 222 6.79 18.50 20.86
N ALA B 223 7.67 19.38 20.38
CA ALA B 223 8.76 18.98 19.50
C ALA B 223 9.72 17.99 20.14
N ILE B 224 10.36 17.18 19.29
CA ILE B 224 11.40 16.25 19.73
C ILE B 224 12.75 16.95 19.74
N CYS B 225 13.46 16.85 20.85
CA CYS B 225 14.68 17.63 21.06
C CYS B 225 15.85 16.78 21.53
N GLY B 226 17.03 17.05 20.98
CA GLY B 226 18.24 16.37 21.39
C GLY B 226 18.83 17.05 22.61
N LEU B 227 19.99 16.57 23.05
CA LEU B 227 20.67 17.19 24.19
C LEU B 227 22.18 17.31 23.99
N PRO B 228 22.62 18.13 23.02
CA PRO B 228 21.79 18.96 22.14
C PRO B 228 21.51 18.34 20.77
N ASP B 229 22.36 17.41 20.32
CA ASP B 229 22.37 16.99 18.92
C ASP B 229 22.27 15.48 18.69
N MET B 230 22.26 14.69 19.76
CA MET B 230 21.99 13.27 19.63
C MET B 230 20.54 12.96 19.96
N LYS B 231 20.03 11.87 19.40
CA LYS B 231 18.65 11.46 19.65
C LYS B 231 18.48 9.96 19.42
N GLU B 232 18.23 9.23 20.50
CA GLU B 232 17.95 7.80 20.39
C GLU B 232 16.58 7.64 19.77
N GLY B 233 16.35 6.52 19.09
CA GLY B 233 15.04 6.22 18.57
C GLY B 233 14.90 4.76 18.27
N SER B 234 13.68 4.32 17.99
CA SER B 234 13.47 2.94 17.61
C SER B 234 13.57 2.86 16.10
N VAL B 235 14.25 1.83 15.61
CA VAL B 235 14.40 1.62 14.18
C VAL B 235 13.84 0.27 13.81
N GLN B 236 12.77 0.28 13.03
CA GLN B 236 12.03 -0.93 12.71
C GLN B 236 12.04 -1.13 11.21
N VAL B 237 12.47 -2.32 10.78
CA VAL B 237 12.58 -2.62 9.36
C VAL B 237 11.23 -2.40 8.66
N PHE B 238 11.27 -1.73 7.52
CA PHE B 238 10.04 -1.48 6.77
C PHE B 238 9.45 -2.80 6.30
N LEU B 239 8.13 -2.86 6.27
CA LEU B 239 7.43 -4.02 5.74
C LEU B 239 7.62 -4.08 4.23
N PRO B 240 7.59 -5.30 3.65
CA PRO B 240 7.72 -5.42 2.20
C PRO B 240 6.62 -4.62 1.51
N ASP B 241 6.85 -4.24 0.26
CA ASP B 241 5.96 -3.34 -0.45
C ASP B 241 4.52 -3.84 -0.45
N GLU B 242 3.57 -2.90 -0.38
CA GLU B 242 2.16 -3.25 -0.31
C GLU B 242 1.70 -3.96 -1.57
N SER B 243 2.24 -3.52 -2.71
CA SER B 243 1.92 -4.15 -4.00
C SER B 243 2.36 -5.61 -4.05
N ALA B 244 3.52 -5.90 -3.46
CA ALA B 244 4.07 -7.25 -3.48
C ALA B 244 3.42 -8.12 -2.41
N VAL B 245 3.42 -7.62 -1.17
CA VAL B 245 2.81 -8.33 -0.06
C VAL B 245 1.72 -7.47 0.55
N PRO B 246 0.50 -7.56 -0.02
CA PRO B 246 -0.64 -6.75 0.44
C PRO B 246 -1.02 -7.06 1.88
N ARG B 247 -1.69 -6.11 2.53
CA ARG B 247 -2.05 -6.28 3.93
C ARG B 247 -3.52 -5.98 4.20
N LYS B 248 -4.04 -6.57 5.28
CA LYS B 248 -5.41 -6.34 5.71
C LYS B 248 -5.45 -5.53 7.00
N HIS B 249 -6.38 -4.59 7.07
CA HIS B 249 -6.55 -3.77 8.26
C HIS B 249 -7.95 -4.05 8.80
N ASN B 250 -8.01 -4.74 9.94
CA ASN B 250 -9.30 -5.19 10.47
C ASN B 250 -9.67 -4.63 11.84
N ARG B 251 -10.90 -4.12 11.92
CA ARG B 251 -11.44 -3.59 13.17
C ARG B 251 -11.55 -4.68 14.24
N SER B 252 -11.07 -4.38 15.44
CA SER B 252 -11.15 -5.30 16.56
C SER B 252 -12.54 -5.30 17.20
N PRO B 253 -13.06 -6.49 17.52
CA PRO B 253 -14.32 -6.56 18.28
C PRO B 253 -14.10 -6.09 19.71
N TYR B 254 -12.84 -6.04 20.13
CA TYR B 254 -12.48 -5.52 21.44
C TYR B 254 -11.84 -4.14 21.32
N ARG B 255 -12.15 -3.45 20.23
CA ARG B 255 -11.75 -2.06 20.08
C ARG B 255 -12.35 -1.27 21.24
N ARG B 256 -11.60 -0.32 21.77
CA ARG B 256 -12.12 0.54 22.83
C ARG B 256 -12.99 1.63 22.26
N THR B 257 -13.54 2.47 23.14
CA THR B 257 -14.52 3.47 22.70
C THR B 257 -13.86 4.66 22.02
N TYR B 258 -12.72 5.07 22.58
CA TYR B 258 -12.03 6.29 22.14
C TYR B 258 -12.89 7.54 22.28
N SER B 259 -13.61 7.61 23.40
CA SER B 259 -14.38 8.79 23.77
C SER B 259 -14.39 8.95 25.29
N LYS B 260 -14.37 10.20 25.74
CA LYS B 260 -14.41 10.50 27.16
C LYS B 260 -15.81 10.51 27.75
N LYS B 261 -16.81 10.57 26.87
CA LYS B 261 -18.21 10.57 27.31
C LYS B 261 -18.73 9.18 27.64
N ASN B 262 -18.86 8.32 26.63
CA ASN B 262 -19.29 6.95 26.86
C ASN B 262 -18.05 6.07 26.96
N GLN B 263 -17.50 5.89 28.16
CA GLN B 263 -16.17 5.30 28.29
C GLN B 263 -16.19 3.77 28.34
N VAL B 264 -17.37 3.19 28.16
CA VAL B 264 -17.53 1.75 28.34
C VAL B 264 -18.07 1.08 27.08
N ALA B 265 -17.21 0.36 26.38
CA ALA B 265 -17.61 -0.43 25.23
C ALA B 265 -18.40 -1.64 25.74
N GLU B 266 -19.19 -2.25 24.86
CA GLU B 266 -19.99 -3.42 25.24
C GLU B 266 -19.15 -4.52 25.89
N TRP B 267 -17.96 -4.77 25.34
CA TRP B 267 -17.08 -5.82 25.87
C TRP B 267 -16.56 -5.47 27.27
N GLN B 268 -16.69 -4.21 27.65
CA GLN B 268 -16.27 -3.76 28.98
C GLN B 268 -17.36 -3.94 30.02
N SER B 269 -18.60 -4.11 29.56
CA SER B 269 -19.73 -4.20 30.49
C SER B 269 -20.43 -5.56 30.51
N SER B 270 -20.38 -6.29 29.40
CA SER B 270 -21.06 -7.59 29.32
C SER B 270 -20.08 -8.76 29.27
N MET B 271 -20.09 -9.59 30.32
CA MET B 271 -19.15 -10.71 30.42
C MET B 271 -19.41 -11.77 29.35
N ASN B 272 -20.59 -11.72 28.74
CA ASN B 272 -20.97 -12.69 27.71
C ASN B 272 -20.66 -12.19 26.31
N TYR B 273 -19.91 -11.10 26.22
CA TYR B 273 -19.59 -10.49 24.93
C TYR B 273 -18.97 -11.46 23.94
N CYS B 274 -18.01 -12.26 24.41
CA CYS B 274 -17.31 -13.18 23.54
C CYS B 274 -18.21 -14.29 23.04
N THR B 275 -18.96 -14.89 23.95
CA THR B 275 -19.89 -15.95 23.62
C THR B 275 -20.95 -15.48 22.61
N ASP B 276 -21.55 -14.33 22.90
CA ASP B 276 -22.67 -13.83 22.10
C ASP B 276 -22.29 -12.99 20.87
N LYS B 277 -21.21 -12.24 20.95
CA LYS B 277 -20.93 -11.23 19.92
C LYS B 277 -19.72 -11.48 19.00
N VAL B 278 -18.76 -12.29 19.43
CA VAL B 278 -17.61 -12.56 18.57
C VAL B 278 -17.48 -14.03 18.14
N LYS B 279 -17.63 -14.95 19.08
CA LYS B 279 -17.64 -16.38 18.76
C LYS B 279 -18.70 -16.73 17.71
N THR B 280 -19.71 -15.87 17.61
CA THR B 280 -20.80 -16.08 16.65
C THR B 280 -20.53 -15.37 15.32
N LYS B 281 -19.42 -14.63 15.26
CA LYS B 281 -19.03 -13.97 14.02
C LYS B 281 -18.36 -14.93 13.05
N ARG B 282 -18.56 -14.68 11.76
CA ARG B 282 -18.01 -15.52 10.69
C ARG B 282 -16.51 -15.73 10.81
N GLN B 283 -15.78 -14.63 10.92
CA GLN B 283 -14.32 -14.65 10.95
C GLN B 283 -13.76 -15.36 12.18
N TYR B 284 -14.55 -15.42 13.25
CA TYR B 284 -14.06 -15.96 14.51
C TYR B 284 -14.68 -17.32 14.84
N ALA B 285 -15.73 -17.69 14.11
CA ALA B 285 -16.42 -18.94 14.39
C ALA B 285 -15.57 -20.15 14.00
N HIS B 286 -14.73 -19.97 12.99
CA HIS B 286 -13.87 -21.05 12.52
C HIS B 286 -12.50 -20.53 12.09
N GLY B 287 -11.44 -21.15 12.60
CA GLY B 287 -10.08 -20.81 12.22
C GLY B 287 -9.15 -20.53 13.38
N ARG B 288 -8.19 -19.63 13.17
CA ARG B 288 -7.18 -19.30 14.17
C ARG B 288 -7.36 -17.88 14.66
N ARG B 289 -8.22 -17.13 13.96
CA ARG B 289 -8.43 -15.70 14.22
C ARG B 289 -8.69 -15.36 15.68
N LEU B 290 -9.59 -16.10 16.33
CA LEU B 290 -9.91 -15.85 17.74
C LEU B 290 -8.73 -16.15 18.65
N LEU B 291 -8.00 -17.22 18.34
CA LEU B 291 -6.81 -17.59 19.10
C LEU B 291 -5.71 -16.54 18.99
N ASP B 292 -5.61 -15.91 17.81
CA ASP B 292 -4.66 -14.84 17.59
C ASP B 292 -5.02 -13.64 18.46
N LEU B 293 -6.30 -13.29 18.46
CA LEU B 293 -6.82 -12.20 19.26
C LEU B 293 -6.51 -12.39 20.74
N VAL B 294 -6.68 -13.63 21.22
CA VAL B 294 -6.36 -13.97 22.60
C VAL B 294 -4.86 -13.88 22.87
N ASP B 295 -4.07 -14.38 21.91
CA ASP B 295 -2.61 -14.34 22.03
C ASP B 295 -2.10 -12.90 22.11
N ILE B 296 -2.63 -12.04 21.26
CA ILE B 296 -2.15 -10.66 21.16
C ILE B 296 -2.57 -9.82 22.36
N HIS B 297 -3.75 -10.09 22.91
CA HIS B 297 -4.22 -9.40 24.11
C HIS B 297 -3.51 -9.89 25.37
N ILE B 298 -2.97 -11.10 25.32
CA ILE B 298 -2.11 -11.60 26.39
C ILE B 298 -0.82 -10.78 26.39
N LEU B 299 -0.32 -10.51 25.19
CA LEU B 299 0.86 -9.68 25.01
C LEU B 299 0.59 -8.24 25.46
N ASP B 300 -0.55 -7.71 25.03
CA ASP B 300 -0.95 -6.36 25.38
C ASP B 300 -1.12 -6.16 26.88
N TYR B 301 -1.59 -7.19 27.57
CA TYR B 301 -1.79 -7.13 29.01
C TYR B 301 -0.45 -7.09 29.75
N LEU B 302 0.51 -7.88 29.27
CA LEU B 302 1.82 -7.93 29.88
C LEU B 302 2.56 -6.60 29.78
N ILE B 303 2.34 -5.90 28.67
CA ILE B 303 3.00 -4.64 28.41
C ILE B 303 2.11 -3.44 28.73
N GLY B 304 0.85 -3.70 29.05
CA GLY B 304 -0.10 -2.65 29.34
C GLY B 304 -0.51 -1.80 28.16
N ASN B 305 -0.45 -2.38 26.96
CA ASN B 305 -0.86 -1.68 25.75
C ASN B 305 -2.39 -1.72 25.60
N GLN B 306 -3.00 -0.53 25.64
CA GLN B 306 -4.46 -0.42 25.56
C GLN B 306 -4.93 -0.06 24.16
N ASP B 307 -3.99 0.21 23.27
CA ASP B 307 -4.31 0.81 21.97
C ASP B 307 -4.50 -0.21 20.86
N ARG B 308 -4.96 -1.40 21.20
CA ARG B 308 -5.15 -2.43 20.18
C ARG B 308 -6.55 -2.32 19.58
N HIS B 309 -6.72 -1.31 18.74
CA HIS B 309 -8.01 -1.02 18.11
C HIS B 309 -8.15 -1.70 16.76
N HIS B 310 -7.03 -1.94 16.10
CA HIS B 310 -7.03 -2.57 14.79
C HIS B 310 -6.02 -3.69 14.74
N PHE B 311 -6.22 -4.63 13.81
CA PHE B 311 -5.22 -5.65 13.55
C PHE B 311 -4.70 -5.49 12.13
N GLU B 312 -3.42 -5.79 11.93
CA GLU B 312 -2.83 -5.70 10.61
C GLU B 312 -2.34 -7.09 10.25
N SER B 313 -2.64 -7.52 9.03
CA SER B 313 -2.34 -8.88 8.61
C SER B 313 -1.94 -8.90 7.15
N PHE B 314 -1.03 -9.80 6.80
CA PHE B 314 -0.69 -10.03 5.41
C PHE B 314 -1.91 -10.64 4.72
N ASN B 315 -2.11 -10.30 3.45
CA ASN B 315 -3.19 -10.88 2.68
C ASN B 315 -2.63 -11.46 1.40
N VAL B 316 -1.87 -12.54 1.53
CA VAL B 316 -1.04 -13.03 0.43
C VAL B 316 -1.03 -14.55 0.27
N PHE B 317 -1.17 -15.28 1.38
CA PHE B 317 -1.18 -16.73 1.33
C PHE B 317 -2.57 -17.30 1.11
N ASN B 318 -2.99 -17.36 -0.16
CA ASN B 318 -4.30 -17.88 -0.53
C ASN B 318 -4.59 -19.27 0.02
N ASP B 319 -5.81 -19.46 0.52
CA ASP B 319 -6.31 -20.74 1.03
C ASP B 319 -5.68 -21.10 2.38
N LEU B 320 -4.89 -20.17 2.91
CA LEU B 320 -4.31 -20.32 4.24
C LEU B 320 -4.88 -19.26 5.17
N PRO B 321 -4.97 -19.57 6.47
CA PRO B 321 -5.46 -18.56 7.40
C PRO B 321 -4.39 -17.51 7.67
N SER B 322 -4.78 -16.24 7.70
CA SER B 322 -3.84 -15.17 7.97
C SER B 322 -3.64 -14.99 9.47
N TYR B 323 -2.60 -14.27 9.85
CA TYR B 323 -2.37 -13.97 11.26
C TYR B 323 -2.15 -12.48 11.42
N ALA B 324 -2.46 -11.96 12.60
CA ALA B 324 -2.27 -10.54 12.87
C ALA B 324 -0.81 -10.23 13.15
N ILE B 325 -0.29 -9.22 12.46
CA ILE B 325 1.07 -8.77 12.73
C ILE B 325 1.08 -7.96 14.02
N HIS B 326 1.92 -8.36 14.96
CA HIS B 326 2.03 -7.64 16.23
C HIS B 326 2.74 -6.32 16.01
N LEU B 327 1.94 -5.28 15.78
CA LEU B 327 2.43 -3.97 15.38
C LEU B 327 2.03 -2.92 16.40
N ASP B 328 2.54 -1.70 16.21
CA ASP B 328 2.12 -0.54 16.98
C ASP B 328 2.20 -0.72 18.50
N HIS B 329 3.41 -0.71 19.03
CA HIS B 329 3.61 -0.91 20.47
C HIS B 329 4.12 0.33 21.20
N GLY B 330 4.03 1.48 20.53
CA GLY B 330 4.48 2.74 21.11
C GLY B 330 3.80 3.11 22.42
N ARG B 331 2.57 2.64 22.60
CA ARG B 331 1.78 2.97 23.79
C ARG B 331 1.82 1.87 24.84
N ALA B 332 2.90 1.10 24.85
CA ALA B 332 3.08 0.06 25.85
C ALA B 332 4.01 0.55 26.96
N PHE B 333 4.03 -0.16 28.08
CA PHE B 333 4.93 0.14 29.19
C PHE B 333 4.75 1.54 29.77
N GLY B 334 3.51 2.03 29.78
CA GLY B 334 3.23 3.35 30.31
C GLY B 334 3.11 3.41 31.82
N ARG B 335 2.70 2.30 32.44
CA ARG B 335 2.51 2.25 33.88
C ARG B 335 3.07 0.97 34.47
N SER B 336 3.90 1.10 35.51
CA SER B 336 4.51 -0.04 36.16
C SER B 336 3.74 -0.44 37.41
N ASP B 337 2.85 0.44 37.85
CA ASP B 337 2.14 0.24 39.11
C ASP B 337 0.65 -0.02 38.85
N PHE B 338 0.33 -0.28 37.58
CA PHE B 338 -1.05 -0.44 37.16
C PHE B 338 -1.22 -1.57 36.14
N ASP B 339 -2.10 -2.51 36.45
CA ASP B 339 -2.47 -3.55 35.50
C ASP B 339 -3.92 -3.34 35.04
N ASP B 340 -4.10 -3.22 33.72
CA ASP B 340 -5.43 -2.99 33.17
C ASP B 340 -6.08 -4.31 32.79
N ASP B 341 -6.86 -4.87 33.71
CA ASP B 341 -7.51 -6.17 33.51
C ASP B 341 -8.53 -6.16 32.37
N ASP B 342 -8.90 -4.98 31.89
CA ASP B 342 -9.76 -4.84 30.73
C ASP B 342 -9.11 -5.44 29.49
N ILE B 343 -7.78 -5.39 29.45
CA ILE B 343 -7.03 -5.88 28.30
C ILE B 343 -7.08 -7.40 28.16
N ILE B 344 -7.02 -8.11 29.29
CA ILE B 344 -7.02 -9.57 29.28
C ILE B 344 -8.45 -10.13 29.30
N LEU B 345 -9.44 -9.25 29.17
CA LEU B 345 -10.85 -9.65 29.14
C LEU B 345 -11.24 -10.72 28.12
N PRO B 346 -10.68 -10.66 26.89
CA PRO B 346 -11.02 -11.71 25.93
C PRO B 346 -10.66 -13.11 26.43
N LEU B 347 -9.55 -13.23 27.14
CA LEU B 347 -9.18 -14.49 27.79
C LEU B 347 -10.29 -14.91 28.75
N ARG B 348 -10.82 -13.94 29.48
CA ARG B 348 -11.85 -14.21 30.49
C ARG B 348 -13.17 -14.55 29.82
N GLN B 349 -13.43 -13.90 28.69
CA GLN B 349 -14.69 -14.05 27.98
C GLN B 349 -14.72 -15.20 26.98
N CYS B 350 -13.66 -15.35 26.19
CA CYS B 350 -13.63 -16.39 25.15
C CYS B 350 -13.25 -17.74 25.74
N CYS B 351 -12.30 -17.72 26.67
CA CYS B 351 -11.82 -18.95 27.32
C CYS B 351 -11.36 -20.04 26.36
N ILE B 352 -10.70 -19.63 25.29
CA ILE B 352 -9.92 -20.55 24.47
C ILE B 352 -8.48 -20.05 24.46
N LEU B 353 -7.52 -20.95 24.27
CA LEU B 353 -6.12 -20.58 24.39
C LEU B 353 -5.22 -21.54 23.63
N ARG B 354 -4.42 -21.00 22.72
CA ARG B 354 -3.50 -21.80 21.92
C ARG B 354 -2.55 -22.58 22.82
N PRO B 355 -2.49 -23.90 22.62
CA PRO B 355 -1.75 -24.82 23.49
C PRO B 355 -0.25 -24.49 23.61
N SER B 356 0.37 -24.07 22.52
CA SER B 356 1.77 -23.69 22.55
C SER B 356 1.97 -22.48 23.45
N THR B 357 1.06 -21.53 23.35
CA THR B 357 1.08 -20.33 24.18
C THR B 357 1.03 -20.71 25.65
N PHE B 358 0.17 -21.67 25.98
CA PHE B 358 0.01 -22.11 27.35
C PHE B 358 1.28 -22.70 27.95
N GLN B 359 1.94 -23.58 27.23
CA GLN B 359 3.17 -24.20 27.72
C GLN B 359 4.29 -23.18 27.93
N THR B 360 4.49 -22.31 26.95
CA THR B 360 5.45 -21.22 27.09
C THR B 360 5.13 -20.40 28.35
N LEU B 361 3.86 -20.04 28.49
CA LEU B 361 3.39 -19.35 29.67
C LEU B 361 3.59 -20.17 30.95
N MET B 362 3.09 -21.40 30.95
CA MET B 362 3.28 -22.34 32.07
C MET B 362 4.74 -22.55 32.46
N ASN B 363 5.61 -22.63 31.47
CA ASN B 363 7.04 -22.80 31.70
C ASN B 363 7.64 -21.63 32.48
N PHE B 364 7.34 -20.42 32.03
CA PHE B 364 7.81 -19.19 32.68
C PHE B 364 7.28 -19.03 34.10
N TYR B 365 6.00 -19.31 34.28
CA TYR B 365 5.34 -19.15 35.58
C TYR B 365 5.96 -20.09 36.62
N SER B 366 6.31 -21.29 36.19
CA SER B 366 6.84 -22.32 37.10
C SER B 366 8.21 -21.93 37.66
N THR B 367 8.86 -20.98 37.00
CA THR B 367 10.11 -20.42 37.49
C THR B 367 9.98 -18.91 37.61
N PRO B 368 9.71 -18.41 38.82
CA PRO B 368 9.53 -16.97 39.04
C PRO B 368 10.71 -16.15 38.52
N LYS B 369 10.40 -15.00 37.90
CA LYS B 369 11.38 -14.08 37.33
C LYS B 369 12.05 -14.57 36.04
N SER B 370 11.66 -15.75 35.55
CA SER B 370 12.32 -16.33 34.39
C SER B 370 11.94 -15.59 33.11
N LEU B 371 10.68 -15.18 33.00
CA LEU B 371 10.21 -14.39 31.87
C LEU B 371 10.99 -13.09 31.74
N THR B 372 11.08 -12.34 32.84
CA THR B 372 11.79 -11.06 32.84
C THR B 372 13.31 -11.24 32.72
N LYS B 373 13.82 -12.38 33.19
CA LYS B 373 15.23 -12.70 32.99
C LYS B 373 15.51 -13.00 31.53
N ALA B 374 14.64 -13.79 30.91
CA ALA B 374 14.77 -14.12 29.49
C ALA B 374 14.57 -12.89 28.60
N LEU B 375 13.82 -11.92 29.10
CA LEU B 375 13.59 -10.67 28.37
C LEU B 375 14.77 -9.74 28.52
N HIS B 376 15.26 -9.60 29.76
CA HIS B 376 16.39 -8.72 30.04
C HIS B 376 17.62 -9.10 29.23
N GLU B 377 17.90 -10.40 29.19
CA GLU B 377 19.06 -10.89 28.44
C GLU B 377 18.92 -10.62 26.94
N SER B 378 17.68 -10.67 26.46
CA SER B 378 17.39 -10.36 25.08
C SER B 378 17.57 -8.87 24.80
N LEU B 379 17.02 -8.04 25.68
CA LEU B 379 17.12 -6.59 25.56
C LEU B 379 18.56 -6.08 25.71
N SER B 380 19.34 -6.73 26.57
CA SER B 380 20.70 -6.29 26.84
C SER B 380 21.59 -6.26 25.60
N LYS B 381 21.29 -7.12 24.63
CA LYS B 381 22.06 -7.16 23.38
C LYS B 381 21.70 -6.03 22.41
N ASP B 382 20.62 -5.30 22.70
CA ASP B 382 20.27 -4.11 21.93
C ASP B 382 21.23 -2.99 22.29
N PRO B 383 21.80 -2.32 21.29
CA PRO B 383 22.84 -1.29 21.47
C PRO B 383 22.36 -0.09 22.31
N ALA B 384 21.05 0.08 22.44
CA ALA B 384 20.51 1.22 23.16
C ALA B 384 20.10 0.87 24.59
N HIS B 385 20.48 -0.32 25.04
CA HIS B 385 20.14 -0.77 26.39
C HIS B 385 20.74 0.15 27.44
N PRO B 386 20.06 0.32 28.59
CA PRO B 386 18.79 -0.28 29.01
C PRO B 386 17.59 0.15 28.18
N ILE B 387 16.79 -0.83 27.76
CA ILE B 387 15.60 -0.58 26.97
C ILE B 387 14.41 -0.26 27.89
N LEU B 388 14.27 -1.05 28.95
CA LEU B 388 13.19 -0.84 29.92
C LEU B 388 13.77 -0.49 31.28
N ALA B 389 13.09 0.43 31.97
CA ALA B 389 13.36 0.64 33.39
C ALA B 389 13.05 -0.65 34.12
N TYR B 390 13.87 -0.98 35.11
CA TYR B 390 13.79 -2.28 35.77
C TYR B 390 12.49 -2.50 36.55
N LYS B 391 11.82 -1.40 36.89
CA LYS B 391 10.57 -1.47 37.66
C LYS B 391 9.45 -2.18 36.90
N HIS B 392 9.61 -2.31 35.60
CA HIS B 392 8.61 -3.01 34.79
C HIS B 392 8.73 -4.53 34.90
N TYR B 393 9.89 -5.01 35.30
CA TYR B 393 10.09 -6.45 35.45
C TYR B 393 9.15 -7.09 36.49
N PRO B 394 9.09 -6.54 37.73
CA PRO B 394 8.13 -7.13 38.66
C PRO B 394 6.68 -6.95 38.20
N ALA B 395 6.43 -5.89 37.44
CA ALA B 395 5.10 -5.61 36.93
C ALA B 395 4.61 -6.68 35.97
N MET B 396 5.52 -7.18 35.12
CA MET B 396 5.16 -8.19 34.13
C MET B 396 4.98 -9.55 34.80
N GLU B 397 5.73 -9.78 35.87
CA GLU B 397 5.60 -11.00 36.64
C GLU B 397 4.24 -11.04 37.32
N ARG B 398 3.82 -9.90 37.84
CA ARG B 398 2.52 -9.77 38.50
C ARG B 398 1.40 -10.00 37.50
N ARG B 399 1.57 -9.44 36.30
CA ARG B 399 0.58 -9.57 35.24
C ARG B 399 0.57 -11.00 34.72
N LEU B 400 1.75 -11.62 34.68
CA LEU B 400 1.87 -13.01 34.28
C LEU B 400 1.11 -13.92 35.23
N ALA B 401 1.32 -13.72 36.52
CA ALA B 401 0.63 -14.49 37.55
C ALA B 401 -0.88 -14.32 37.45
N LYS B 402 -1.30 -13.08 37.18
CA LYS B 402 -2.71 -12.77 37.00
C LYS B 402 -3.31 -13.45 35.77
N ILE B 403 -2.51 -13.56 34.70
CA ILE B 403 -2.93 -14.26 33.50
C ILE B 403 -3.21 -15.73 33.82
N MET B 404 -2.35 -16.32 34.65
CA MET B 404 -2.47 -17.73 35.04
C MET B 404 -3.74 -18.01 35.81
N SER B 405 -4.05 -17.14 36.76
CA SER B 405 -5.29 -17.26 37.53
C SER B 405 -6.49 -17.26 36.60
N HIS B 406 -6.43 -16.40 35.59
CA HIS B 406 -7.49 -16.30 34.60
C HIS B 406 -7.59 -17.54 33.72
N ILE B 407 -6.47 -18.20 33.49
CA ILE B 407 -6.46 -19.44 32.72
C ILE B 407 -7.09 -20.56 33.52
N LEU B 408 -6.69 -20.66 34.79
CA LEU B 408 -7.24 -21.66 35.70
C LEU B 408 -8.75 -21.56 35.81
N GLU B 409 -9.27 -20.33 35.77
CA GLU B 409 -10.71 -20.12 35.87
C GLU B 409 -11.41 -20.64 34.61
N CYS B 410 -10.78 -20.47 33.46
CA CYS B 410 -11.32 -20.98 32.20
C CYS B 410 -11.36 -22.51 32.21
N PHE B 411 -10.35 -23.10 32.82
CA PHE B 411 -10.25 -24.54 32.95
C PHE B 411 -11.40 -25.04 33.81
N GLU B 412 -11.58 -24.42 34.97
CA GLU B 412 -12.67 -24.79 35.87
C GLU B 412 -14.06 -24.45 35.31
N SER B 413 -14.16 -23.40 34.50
CA SER B 413 -15.46 -22.97 33.97
C SER B 413 -15.93 -23.81 32.79
N ARG B 414 -15.10 -23.92 31.77
CA ARG B 414 -15.38 -24.79 30.62
C ARG B 414 -14.37 -25.92 30.65
N GLY B 415 -14.45 -26.88 29.74
CA GLY B 415 -13.56 -28.02 29.83
C GLY B 415 -12.13 -27.66 29.48
N VAL B 416 -11.18 -28.37 30.07
CA VAL B 416 -9.76 -28.07 29.86
C VAL B 416 -9.39 -28.41 28.42
N ALA B 417 -10.09 -29.41 27.87
CA ALA B 417 -9.93 -29.80 26.47
C ALA B 417 -10.72 -28.87 25.56
N GLU B 418 -11.53 -28.01 26.16
CA GLU B 418 -12.37 -27.07 25.40
C GLU B 418 -11.67 -25.72 25.28
N VAL B 419 -10.73 -25.46 26.18
CA VAL B 419 -9.95 -24.22 26.15
C VAL B 419 -8.76 -24.35 25.21
N LEU B 420 -7.92 -25.35 25.45
CA LEU B 420 -6.68 -25.52 24.70
C LEU B 420 -6.91 -26.12 23.32
N VAL B 421 -7.25 -25.27 22.37
CA VAL B 421 -7.50 -25.70 20.99
C VAL B 421 -6.52 -25.02 20.04
N ALA B 422 -6.13 -25.74 18.98
CA ALA B 422 -5.21 -25.21 17.99
C ALA B 422 -5.98 -24.45 16.92
N GLU B 423 -7.25 -24.79 16.77
CA GLU B 423 -8.17 -24.06 15.92
C GLU B 423 -9.50 -23.97 16.66
N TYR B 424 -10.22 -22.89 16.46
CA TYR B 424 -11.54 -22.76 17.10
C TYR B 424 -12.65 -23.02 16.09
N ASN B 425 -13.61 -23.83 16.50
CA ASN B 425 -14.75 -24.15 15.65
C ASN B 425 -16.07 -24.07 16.41
N ASN B 426 -17.00 -23.27 15.90
CA ASN B 426 -18.31 -23.10 16.52
C ASN B 426 -19.31 -24.05 15.89
N PRO B 427 -19.79 -25.04 16.68
CA PRO B 427 -20.82 -26.01 16.26
C PRO B 427 -22.02 -25.34 15.60
N ASP B 428 -22.30 -24.10 15.98
CA ASP B 428 -23.46 -23.38 15.46
C ASP B 428 -23.04 -22.26 14.51
#